data_6Q1R
#
_entry.id   6Q1R
#
_cell.length_a   66.431
_cell.length_b   203.248
_cell.length_c   48.112
_cell.angle_alpha   90.000
_cell.angle_beta   89.960
_cell.angle_gamma   90.000
#
_symmetry.space_group_name_H-M   'P 1 21 1'
#
loop_
_entity.id
_entity.type
_entity.pdbx_description
1 polymer 'Probable amino acid aminotransferase'
2 non-polymer "PYRIDOXAL-5'-PHOSPHATE"
3 non-polymer 'CITRIC ACID'
4 non-polymer GLYCEROL
5 water water
#
_entity_poly.entity_id   1
_entity_poly.type   'polypeptide(L)'
_entity_poly.pdbx_seq_one_letter_code
;NAMVVTLDGEILQPGMPLLHADDLAAVRGDGVFETLLVRDGRACLVEAHLQRLTQSARLMDLPEPDLPRWRRAVEVATQR
WVASTADEGALRLIYSRGREGGSAPTAYVMVSPVPARVIGARRDGVSAITLDRGLPADGGDAMPWLIASAKTLSYAVNMA
VLRHAARQGAGDVIFVSTDGYVLEGPRSTVVIATDGDQGGGNPCLLTPPPWYPILRGTTQQALFEVARAKGYDCDYRALR
VADLFDSQGIWLVSSMTLAARVHTLDGRRLPRTPIAEVFAELVDAAIVSDR
;
_entity_poly.pdbx_strand_id   A,B,C,D
#
# COMPACT_ATOMS: atom_id res chain seq x y z
N ALA A 2 1.31 8.62 -10.00
CA ALA A 2 2.74 8.88 -10.07
C ALA A 2 3.07 10.23 -9.43
N MET A 3 3.83 10.20 -8.34
CA MET A 3 4.29 11.41 -7.67
C MET A 3 5.80 11.37 -7.50
N VAL A 4 6.44 12.53 -7.63
CA VAL A 4 7.87 12.65 -7.43
C VAL A 4 8.12 13.69 -6.35
N VAL A 5 8.98 13.35 -5.39
CA VAL A 5 9.39 14.26 -4.32
C VAL A 5 10.91 14.20 -4.24
N THR A 6 11.57 15.31 -4.54
CA THR A 6 13.01 15.36 -4.42
C THR A 6 13.41 15.57 -2.96
N LEU A 7 14.66 15.21 -2.65
CA LEU A 7 15.11 15.45 -1.28
C LEU A 7 15.29 16.93 -1.00
N ASP A 8 15.38 17.75 -2.04
CA ASP A 8 15.36 19.21 -1.88
C ASP A 8 14.02 19.72 -1.36
N GLY A 9 13.01 18.86 -1.26
CA GLY A 9 11.71 19.21 -0.75
C GLY A 9 10.67 19.67 -1.75
N GLU A 10 10.93 19.57 -3.05
CA GLU A 10 9.96 19.99 -4.04
C GLU A 10 9.06 18.82 -4.43
N ILE A 11 7.75 19.04 -4.37
CA ILE A 11 6.78 18.06 -4.85
C ILE A 11 6.50 18.45 -6.29
N LEU A 12 7.09 17.70 -7.21
CA LEU A 12 7.15 18.05 -8.63
C LEU A 12 6.05 17.37 -9.43
N GLN A 13 5.70 18.00 -10.56
CA GLN A 13 4.83 17.37 -11.53
C GLN A 13 5.53 16.13 -12.09
N PRO A 14 4.80 15.02 -12.28
CA PRO A 14 5.47 13.78 -12.74
C PRO A 14 5.97 13.87 -14.16
N GLY A 15 5.25 14.59 -15.04
CA GLY A 15 5.55 14.69 -16.44
C GLY A 15 6.52 15.79 -16.79
N MET A 16 6.88 16.60 -15.81
CA MET A 16 7.89 17.62 -16.02
C MET A 16 9.25 16.95 -15.94
N PRO A 17 10.16 17.20 -16.88
CA PRO A 17 11.48 16.56 -16.81
C PRO A 17 12.26 17.00 -15.59
N LEU A 18 12.93 16.05 -14.96
CA LEU A 18 13.67 16.28 -13.73
C LEU A 18 15.18 16.09 -13.92
N LEU A 19 15.58 15.06 -14.67
CA LEU A 19 16.97 14.66 -14.77
C LEU A 19 17.65 15.33 -15.96
N HIS A 20 18.94 15.60 -15.81
CA HIS A 20 19.72 16.15 -16.91
C HIS A 20 20.21 15.03 -17.83
N ALA A 21 20.55 15.41 -19.05
CA ALA A 21 20.98 14.44 -20.04
C ALA A 21 22.29 13.75 -19.66
N ASP A 22 23.09 14.34 -18.79
CA ASP A 22 24.37 13.76 -18.37
C ASP A 22 24.33 13.22 -16.96
N ASP A 23 23.15 12.93 -16.43
CA ASP A 23 23.04 12.33 -15.11
C ASP A 23 23.48 10.88 -15.17
N LEU A 24 24.39 10.51 -14.26
CA LEU A 24 25.00 9.19 -14.28
C LEU A 24 24.00 8.05 -14.04
N ALA A 25 22.79 8.35 -13.55
CA ALA A 25 21.79 7.30 -13.41
C ALA A 25 21.31 6.78 -14.77
N ALA A 26 21.24 7.66 -15.75
CA ALA A 26 20.83 7.28 -17.10
C ALA A 26 22.00 7.04 -18.03
N VAL A 27 23.12 7.72 -17.82
CA VAL A 27 24.26 7.57 -18.71
C VAL A 27 25.01 6.27 -18.42
N ARG A 28 25.13 5.90 -17.15
CA ARG A 28 25.91 4.72 -16.80
C ARG A 28 25.25 3.81 -15.78
N GLY A 29 24.01 4.09 -15.38
CA GLY A 29 23.36 3.29 -14.36
C GLY A 29 24.05 3.33 -13.02
N ASP A 30 24.77 4.41 -12.74
CA ASP A 30 25.62 4.51 -11.56
C ASP A 30 24.79 5.06 -10.40
N GLY A 31 24.22 4.15 -9.62
CA GLY A 31 23.41 4.58 -8.49
C GLY A 31 22.80 3.38 -7.81
N VAL A 32 22.05 3.66 -6.74
CA VAL A 32 21.37 2.64 -5.96
C VAL A 32 19.91 3.04 -5.80
N PHE A 33 19.08 2.05 -5.46
CA PHE A 33 17.66 2.30 -5.27
C PHE A 33 17.08 1.33 -4.25
N GLU A 34 15.87 1.65 -3.80
CA GLU A 34 15.08 0.80 -2.92
C GLU A 34 13.62 0.90 -3.33
N THR A 35 12.86 -0.17 -3.11
CA THR A 35 11.44 -0.19 -3.41
C THR A 35 10.65 -0.52 -2.16
N LEU A 36 9.63 0.28 -1.88
CA LEU A 36 8.79 0.12 -0.69
C LEU A 36 7.34 0.04 -1.11
N LEU A 37 6.59 -0.75 -0.36
CA LEU A 37 5.15 -0.88 -0.53
C LEU A 37 4.46 0.07 0.45
N VAL A 38 3.49 0.83 -0.05
CA VAL A 38 2.65 1.70 0.77
C VAL A 38 1.35 0.95 1.04
N ARG A 39 1.12 0.62 2.31
CA ARG A 39 -0.09 -0.11 2.70
C ARG A 39 -0.60 0.43 4.02
N ASP A 40 -1.90 0.71 4.06
CA ASP A 40 -2.59 1.15 5.28
C ASP A 40 -1.95 2.38 5.88
N GLY A 41 -1.75 3.41 5.06
CA GLY A 41 -1.34 4.72 5.52
C GLY A 41 0.14 4.90 5.81
N ARG A 42 0.96 3.86 5.64
CA ARG A 42 2.40 3.96 5.89
C ARG A 42 3.17 3.12 4.89
N ALA A 43 4.44 3.47 4.71
CA ALA A 43 5.35 2.61 3.96
C ALA A 43 5.84 1.50 4.88
N CYS A 44 6.10 0.33 4.31
CA CYS A 44 6.36 -0.86 5.10
C CYS A 44 7.85 -1.08 5.30
N LEU A 45 8.24 -1.36 6.55
CA LEU A 45 9.63 -1.63 6.92
C LEU A 45 10.55 -0.52 6.41
N VAL A 46 10.23 0.71 6.79
CA VAL A 46 10.99 1.85 6.29
C VAL A 46 12.43 1.78 6.78
N GLU A 47 12.61 1.51 8.07
CA GLU A 47 13.96 1.55 8.65
C GLU A 47 14.84 0.45 8.07
N ALA A 48 14.28 -0.76 7.89
CA ALA A 48 15.03 -1.83 7.26
C ALA A 48 15.44 -1.47 5.84
N HIS A 49 14.58 -0.74 5.12
CA HIS A 49 14.93 -0.34 3.75
C HIS A 49 15.96 0.78 3.74
N LEU A 50 15.87 1.71 4.69
CA LEU A 50 16.87 2.77 4.73
C LEU A 50 18.24 2.24 5.12
N GLN A 51 18.28 1.15 5.90
CA GLN A 51 19.56 0.55 6.26
C GLN A 51 20.24 -0.09 5.06
N ARG A 52 19.48 -0.76 4.20
CA ARG A 52 20.09 -1.35 3.01
C ARG A 52 20.51 -0.27 2.02
N LEU A 53 19.74 0.83 1.94
CA LEU A 53 20.17 1.94 1.11
C LEU A 53 21.52 2.46 1.55
N THR A 54 21.74 2.56 2.87
CA THR A 54 23.04 2.95 3.40
C THR A 54 24.10 1.92 3.03
N GLN A 55 23.76 0.64 3.14
CA GLN A 55 24.71 -0.42 2.82
C GLN A 55 25.03 -0.43 1.33
N SER A 56 24.03 -0.21 0.48
CA SER A 56 24.28 -0.18 -0.96
C SER A 56 25.19 0.99 -1.34
N ALA A 57 24.98 2.15 -0.72
CA ALA A 57 25.80 3.32 -1.03
C ALA A 57 27.25 3.10 -0.63
N ARG A 58 27.49 2.39 0.48
CA ARG A 58 28.85 2.12 0.92
C ARG A 58 29.58 1.24 -0.07
N LEU A 59 28.91 0.22 -0.59
CA LEU A 59 29.49 -0.64 -1.62
C LEU A 59 29.73 0.11 -2.92
N MET A 60 29.03 1.21 -3.14
CA MET A 60 29.09 1.99 -4.37
C MET A 60 29.90 3.27 -4.23
N ASP A 61 30.56 3.48 -3.07
CA ASP A 61 31.36 4.67 -2.81
C ASP A 61 30.55 5.94 -3.01
N LEU A 62 29.24 5.88 -2.70
CA LEU A 62 28.30 6.99 -2.70
C LEU A 62 28.30 7.68 -1.33
N PRO A 63 28.02 8.98 -1.29
CA PRO A 63 27.96 9.68 -0.01
C PRO A 63 26.96 9.03 0.95
N GLU A 64 27.31 9.04 2.23
CA GLU A 64 26.48 8.43 3.27
C GLU A 64 25.11 9.09 3.29
N PRO A 65 24.02 8.34 3.16
CA PRO A 65 22.69 8.97 3.01
C PRO A 65 22.27 9.71 4.26
N ASP A 66 21.65 10.87 4.06
CA ASP A 66 21.12 11.69 5.16
C ASP A 66 19.72 11.17 5.46
N LEU A 67 19.62 10.26 6.43
CA LEU A 67 18.36 9.57 6.67
C LEU A 67 17.22 10.50 7.10
N PRO A 68 17.41 11.49 7.98
CA PRO A 68 16.31 12.44 8.25
C PRO A 68 15.73 13.07 6.99
N ARG A 69 16.58 13.41 6.00
CA ARG A 69 16.06 13.99 4.77
C ARG A 69 15.33 12.97 3.92
N TRP A 70 15.78 11.70 3.94
CA TRP A 70 15.07 10.64 3.22
C TRP A 70 13.74 10.33 3.90
N ARG A 71 13.72 10.28 5.23
CA ARG A 71 12.48 10.02 5.94
C ARG A 71 11.43 11.07 5.62
N ARG A 72 11.83 12.34 5.52
CA ARG A 72 10.87 13.37 5.17
C ARG A 72 10.36 13.19 3.75
N ALA A 73 11.24 12.84 2.82
CA ALA A 73 10.79 12.65 1.44
C ALA A 73 9.88 11.43 1.32
N VAL A 74 10.15 10.37 2.09
CA VAL A 74 9.28 9.21 2.07
C VAL A 74 7.94 9.53 2.72
N GLU A 75 7.95 10.22 3.86
CA GLU A 75 6.71 10.53 4.56
C GLU A 75 5.85 11.50 3.75
N VAL A 76 6.48 12.46 3.08
CA VAL A 76 5.73 13.40 2.25
C VAL A 76 5.13 12.69 1.04
N ALA A 77 5.95 11.90 0.35
CA ALA A 77 5.44 11.19 -0.82
C ALA A 77 4.36 10.19 -0.45
N THR A 78 4.52 9.50 0.69
CA THR A 78 3.52 8.53 1.14
C THR A 78 2.19 9.20 1.41
N GLN A 79 2.20 10.26 2.22
CA GLN A 79 0.94 10.90 2.62
C GLN A 79 0.22 11.56 1.44
N ARG A 80 0.94 11.93 0.38
CA ARG A 80 0.25 12.43 -0.81
C ARG A 80 -0.45 11.29 -1.54
N TRP A 81 0.19 10.11 -1.58
CA TRP A 81 -0.49 8.94 -2.14
C TRP A 81 -1.71 8.56 -1.32
N VAL A 82 -1.53 8.40 0.00
CA VAL A 82 -2.62 8.01 0.88
C VAL A 82 -3.76 9.02 0.82
N ALA A 83 -3.44 10.28 0.49
CA ALA A 83 -4.49 11.29 0.34
C ALA A 83 -5.32 11.04 -0.91
N SER A 84 -4.69 10.60 -2.00
CA SER A 84 -5.38 10.46 -3.27
C SER A 84 -6.14 9.16 -3.38
N THR A 85 -5.69 8.11 -2.70
CA THR A 85 -6.29 6.79 -2.86
C THR A 85 -6.08 5.98 -1.59
N ALA A 86 -6.90 4.95 -1.45
CA ALA A 86 -6.69 3.92 -0.45
C ALA A 86 -5.94 2.72 -1.02
N ASP A 87 -5.57 2.77 -2.30
CA ASP A 87 -4.86 1.67 -2.93
C ASP A 87 -3.43 1.58 -2.41
N GLU A 88 -2.85 0.39 -2.60
CA GLU A 88 -1.44 0.22 -2.31
C GLU A 88 -0.59 0.99 -3.30
N GLY A 89 0.61 1.36 -2.86
CA GLY A 89 1.50 2.16 -3.69
C GLY A 89 2.87 1.54 -3.80
N ALA A 90 3.54 1.84 -4.90
CA ALA A 90 4.91 1.40 -5.15
C ALA A 90 5.81 2.62 -4.98
N LEU A 91 6.49 2.70 -3.85
CA LEU A 91 7.37 3.82 -3.54
C LEU A 91 8.82 3.39 -3.71
N ARG A 92 9.57 4.13 -4.53
CA ARG A 92 10.97 3.81 -4.74
C ARG A 92 11.83 5.06 -4.56
N LEU A 93 13.00 4.85 -3.95
CA LEU A 93 13.98 5.90 -3.65
C LEU A 93 15.16 5.78 -4.60
N ILE A 94 15.43 6.83 -5.35
CA ILE A 94 16.49 6.84 -6.36
C ILE A 94 17.64 7.69 -5.87
N TYR A 95 18.84 7.12 -5.87
CA TYR A 95 20.03 7.76 -5.31
C TYR A 95 21.21 7.49 -6.23
N SER A 96 21.50 8.43 -7.12
CA SER A 96 22.56 8.30 -8.12
C SER A 96 23.76 9.15 -7.73
N ARG A 97 24.88 8.89 -8.42
CA ARG A 97 26.11 9.64 -8.18
C ARG A 97 26.04 11.09 -8.65
N GLY A 98 25.03 11.45 -9.42
CA GLY A 98 24.87 12.81 -9.89
C GLY A 98 25.33 13.00 -11.32
N ARG A 99 25.40 14.26 -11.73
CA ARG A 99 25.85 14.59 -13.08
C ARG A 99 27.35 14.37 -13.20
N GLU A 100 27.83 14.36 -14.44
CA GLU A 100 29.26 14.22 -14.71
C GLU A 100 29.97 15.53 -14.42
N GLY A 101 31.09 15.44 -13.71
CA GLY A 101 31.82 16.62 -13.29
C GLY A 101 31.16 17.42 -12.20
N GLY A 102 30.06 16.93 -11.63
CA GLY A 102 29.39 17.61 -10.54
C GLY A 102 29.27 16.74 -9.30
N SER A 103 29.59 17.30 -8.15
CA SER A 103 29.71 16.50 -6.93
C SER A 103 28.37 16.21 -6.26
N ALA A 104 27.31 16.93 -6.63
CA ALA A 104 26.02 16.74 -5.97
C ALA A 104 25.35 15.47 -6.46
N PRO A 105 25.08 14.50 -5.58
CA PRO A 105 24.35 13.30 -6.01
C PRO A 105 22.88 13.59 -6.23
N THR A 106 22.28 12.79 -7.13
CA THR A 106 20.86 12.89 -7.44
C THR A 106 20.05 12.01 -6.50
N ALA A 107 19.03 12.60 -5.87
CA ALA A 107 18.23 11.88 -4.89
C ALA A 107 16.78 12.34 -4.97
N TYR A 108 15.87 11.38 -5.05
CA TYR A 108 14.43 11.68 -5.05
C TYR A 108 13.63 10.42 -4.73
N VAL A 109 12.39 10.64 -4.30
CA VAL A 109 11.44 9.58 -4.02
C VAL A 109 10.34 9.64 -5.08
N MET A 110 9.77 8.48 -5.40
CA MET A 110 8.78 8.37 -6.46
C MET A 110 7.77 7.29 -6.08
N VAL A 111 6.49 7.62 -6.20
CA VAL A 111 5.40 6.70 -5.91
C VAL A 111 4.61 6.48 -7.19
N SER A 112 4.24 5.22 -7.44
CA SER A 112 3.46 4.82 -8.60
C SER A 112 2.47 3.76 -8.18
N PRO A 113 1.44 3.51 -8.98
CA PRO A 113 0.49 2.44 -8.64
C PRO A 113 1.15 1.08 -8.66
N VAL A 114 0.61 0.18 -7.85
CA VAL A 114 1.11 -1.20 -7.88
C VAL A 114 0.62 -1.86 -9.16
N PRO A 115 1.51 -2.44 -9.98
CA PRO A 115 1.09 -3.05 -11.24
C PRO A 115 0.15 -4.22 -11.00
N ALA A 116 -0.67 -4.50 -12.03
CA ALA A 116 -1.62 -5.60 -11.95
C ALA A 116 -0.93 -6.96 -11.91
N ARG A 117 0.30 -7.04 -12.42
CA ARG A 117 1.07 -8.28 -12.32
C ARG A 117 1.27 -8.68 -10.86
N VAL A 118 1.48 -7.70 -9.99
CA VAL A 118 1.69 -7.99 -8.57
C VAL A 118 0.42 -8.54 -7.93
N ILE A 119 -0.74 -8.01 -8.32
CA ILE A 119 -1.99 -8.47 -7.74
C ILE A 119 -2.26 -9.94 -8.09
N GLY A 120 -1.93 -10.32 -9.33
CA GLY A 120 -2.12 -11.70 -9.72
C GLY A 120 -1.13 -12.64 -9.05
N ALA A 121 0.14 -12.22 -8.96
CA ALA A 121 1.17 -13.08 -8.37
C ALA A 121 0.89 -13.37 -6.90
N ARG A 122 0.42 -12.38 -6.15
CA ARG A 122 0.03 -12.63 -4.75
C ARG A 122 -1.09 -13.65 -4.69
N ARG A 123 -2.09 -13.50 -5.55
CA ARG A 123 -3.25 -14.38 -5.50
C ARG A 123 -2.92 -15.76 -6.04
N ASP A 124 -2.37 -15.81 -7.25
CA ASP A 124 -2.24 -17.06 -7.99
C ASP A 124 -0.84 -17.63 -7.98
N GLY A 125 0.18 -16.81 -7.80
CA GLY A 125 1.53 -17.30 -7.92
C GLY A 125 2.04 -17.20 -9.34
N VAL A 126 3.26 -17.69 -9.52
CA VAL A 126 3.98 -17.55 -10.78
C VAL A 126 4.52 -18.91 -11.20
N SER A 127 4.80 -19.03 -12.50
CA SER A 127 5.62 -20.10 -13.02
C SER A 127 7.01 -19.54 -13.25
N ALA A 128 8.03 -20.28 -12.84
CA ALA A 128 9.42 -19.80 -12.90
C ALA A 128 10.30 -20.84 -13.58
N ILE A 129 11.39 -20.36 -14.15
CA ILE A 129 12.41 -21.24 -14.73
C ILE A 129 13.73 -20.97 -14.04
N THR A 130 14.57 -22.01 -13.98
CA THR A 130 15.93 -21.85 -13.48
C THR A 130 16.83 -21.36 -14.60
N LEU A 131 17.69 -20.41 -14.29
CA LEU A 131 18.65 -19.90 -15.27
C LEU A 131 20.01 -19.75 -14.63
N ASP A 132 21.05 -20.03 -15.41
CA ASP A 132 22.42 -19.85 -14.95
C ASP A 132 22.72 -18.36 -14.82
N ARG A 133 23.06 -17.93 -13.61
CA ARG A 133 23.39 -16.53 -13.41
C ARG A 133 24.72 -16.17 -14.06
N GLY A 134 25.61 -17.15 -14.20
CA GLY A 134 26.92 -16.94 -14.75
C GLY A 134 28.00 -16.75 -13.70
N LEU A 135 27.62 -16.47 -12.43
CA LEU A 135 28.56 -16.35 -11.34
C LEU A 135 28.59 -17.62 -10.49
N PRO A 136 29.74 -17.98 -9.94
CA PRO A 136 29.80 -19.09 -8.99
C PRO A 136 29.28 -18.67 -7.61
N ALA A 137 29.07 -19.67 -6.76
CA ALA A 137 28.48 -19.41 -5.45
C ALA A 137 29.46 -18.72 -4.51
N ASP A 138 30.76 -18.96 -4.68
CA ASP A 138 31.78 -18.20 -3.97
C ASP A 138 32.06 -16.85 -4.65
N GLY A 139 31.14 -16.42 -5.51
CA GLY A 139 31.36 -15.21 -6.29
C GLY A 139 31.29 -13.91 -5.49
N GLY A 140 30.36 -13.82 -4.56
CA GLY A 140 30.16 -12.57 -3.85
C GLY A 140 31.36 -12.17 -2.99
N ASP A 141 32.03 -13.15 -2.38
CA ASP A 141 33.14 -12.86 -1.49
C ASP A 141 34.48 -12.86 -2.23
N ALA A 142 34.76 -13.94 -2.97
CA ALA A 142 36.03 -14.03 -3.68
C ALA A 142 36.16 -12.95 -4.75
N MET A 143 35.05 -12.33 -5.15
CA MET A 143 35.04 -11.25 -6.13
C MET A 143 34.26 -10.08 -5.54
N PRO A 144 34.87 -9.36 -4.59
CA PRO A 144 34.18 -8.21 -3.97
C PRO A 144 33.98 -7.05 -4.92
N TRP A 145 34.84 -6.93 -5.94
CA TRP A 145 34.74 -5.83 -6.89
C TRP A 145 33.45 -5.88 -7.70
N LEU A 146 32.73 -7.03 -7.70
CA LEU A 146 31.52 -7.19 -8.49
C LEU A 146 30.27 -6.66 -7.81
N ILE A 147 30.37 -6.13 -6.59
CA ILE A 147 29.29 -5.46 -5.85
C ILE A 147 27.95 -6.16 -6.00
N ALA A 148 27.96 -7.50 -5.93
CA ALA A 148 26.75 -8.27 -6.11
C ALA A 148 25.73 -8.04 -5.01
N SER A 149 26.16 -7.54 -3.85
CA SER A 149 25.29 -7.37 -2.70
C SER A 149 24.55 -6.04 -2.69
N ALA A 150 24.68 -5.23 -3.74
CA ALA A 150 24.11 -3.89 -3.77
C ALA A 150 22.88 -3.83 -4.67
N LYS A 151 21.86 -3.10 -4.24
CA LYS A 151 20.67 -2.86 -5.05
C LYS A 151 20.97 -1.66 -5.94
N THR A 152 21.57 -1.93 -7.10
CA THR A 152 22.00 -0.86 -7.99
C THR A 152 20.93 -0.55 -9.04
N LEU A 153 21.10 0.59 -9.70
CA LEU A 153 20.25 0.99 -10.82
C LEU A 153 20.58 0.24 -12.10
N SER A 154 21.52 -0.69 -12.08
CA SER A 154 21.92 -1.44 -13.27
C SER A 154 21.19 -2.78 -13.30
N TYR A 155 19.92 -2.73 -13.75
CA TYR A 155 19.07 -3.91 -13.81
C TYR A 155 18.80 -4.37 -15.23
N ALA A 156 19.64 -3.96 -16.19
CA ALA A 156 19.40 -4.34 -17.59
C ALA A 156 19.37 -5.85 -17.74
N VAL A 157 20.25 -6.57 -17.03
CA VAL A 157 20.27 -8.02 -17.12
C VAL A 157 19.05 -8.62 -16.44
N ASN A 158 18.69 -8.09 -15.26
CA ASN A 158 17.50 -8.57 -14.57
C ASN A 158 16.26 -8.46 -15.46
N MET A 159 16.09 -7.31 -16.10
CA MET A 159 14.91 -7.13 -16.95
C MET A 159 15.02 -7.96 -18.22
N ALA A 160 16.22 -8.06 -18.79
CA ALA A 160 16.39 -8.89 -19.98
C ALA A 160 16.15 -10.36 -19.67
N VAL A 161 16.53 -10.80 -18.47
CA VAL A 161 16.30 -12.19 -18.08
C VAL A 161 14.80 -12.48 -17.98
N LEU A 162 14.03 -11.50 -17.49
CA LEU A 162 12.58 -11.69 -17.38
C LEU A 162 11.91 -11.70 -18.75
N ARG A 163 12.29 -10.78 -19.64
CA ARG A 163 11.77 -10.82 -21.01
C ARG A 163 12.06 -12.17 -21.65
N HIS A 164 13.25 -12.73 -21.40
CA HIS A 164 13.57 -14.04 -21.91
C HIS A 164 12.60 -15.09 -21.38
N ALA A 165 12.30 -15.04 -20.08
CA ALA A 165 11.35 -15.98 -19.49
C ALA A 165 9.93 -15.71 -19.99
N ALA A 166 9.58 -14.44 -20.21
CA ALA A 166 8.23 -14.12 -20.68
C ALA A 166 7.97 -14.74 -22.05
N ARG A 167 8.96 -14.69 -22.94
CA ARG A 167 8.81 -15.29 -24.26
C ARG A 167 8.68 -16.81 -24.20
N GLN A 168 9.13 -17.43 -23.12
CA GLN A 168 8.94 -18.86 -22.90
C GLN A 168 7.69 -19.18 -22.09
N GLY A 169 6.87 -18.18 -21.78
CA GLY A 169 5.70 -18.43 -20.98
C GLY A 169 5.95 -18.55 -19.49
N ALA A 170 7.09 -18.09 -19.01
CA ALA A 170 7.39 -18.15 -17.58
C ALA A 170 7.19 -16.77 -16.97
N GLY A 171 6.69 -16.76 -15.74
CA GLY A 171 6.36 -15.49 -15.09
C GLY A 171 7.49 -14.92 -14.27
N ASP A 172 8.49 -15.75 -13.96
CA ASP A 172 9.65 -15.31 -13.21
C ASP A 172 10.79 -16.29 -13.42
N VAL A 173 11.90 -16.04 -12.74
CA VAL A 173 13.13 -16.78 -12.91
C VAL A 173 13.74 -17.05 -11.54
N ILE A 174 14.40 -18.18 -11.39
CA ILE A 174 15.21 -18.47 -10.23
C ILE A 174 16.63 -18.63 -10.73
N PHE A 175 17.52 -17.70 -10.33
CA PHE A 175 18.92 -17.77 -10.74
C PHE A 175 19.62 -18.92 -10.04
N VAL A 176 20.48 -19.59 -10.79
CA VAL A 176 21.28 -20.69 -10.26
C VAL A 176 22.74 -20.40 -10.60
N SER A 177 23.64 -20.68 -9.64
CA SER A 177 25.05 -20.37 -9.80
C SER A 177 25.68 -21.30 -10.84
N THR A 178 26.89 -20.93 -11.26
CA THR A 178 27.61 -21.77 -12.21
C THR A 178 27.85 -23.17 -11.65
N ASP A 179 28.09 -23.28 -10.36
CA ASP A 179 28.27 -24.57 -9.70
C ASP A 179 26.96 -25.22 -9.28
N GLY A 180 25.83 -24.59 -9.54
CA GLY A 180 24.54 -25.23 -9.33
C GLY A 180 23.82 -24.92 -8.03
N TYR A 181 24.12 -23.80 -7.39
CA TYR A 181 23.45 -23.41 -6.15
C TYR A 181 22.38 -22.37 -6.42
N VAL A 182 21.25 -22.51 -5.72
CA VAL A 182 20.16 -21.56 -5.86
C VAL A 182 20.62 -20.21 -5.33
N LEU A 183 20.39 -19.15 -6.11
CA LEU A 183 20.83 -17.83 -5.73
C LEU A 183 19.65 -16.98 -5.28
N GLU A 184 18.97 -16.36 -6.23
CA GLU A 184 17.86 -15.48 -5.95
C GLU A 184 17.09 -15.28 -7.24
N GLY A 185 16.01 -14.50 -7.17
CA GLY A 185 15.31 -14.09 -8.36
C GLY A 185 15.84 -12.76 -8.88
N PRO A 186 15.53 -12.43 -10.13
CA PRO A 186 15.98 -11.13 -10.66
C PRO A 186 15.39 -9.95 -9.93
N ARG A 187 14.29 -10.15 -9.20
CA ARG A 187 13.69 -9.08 -8.41
C ARG A 187 13.14 -9.60 -7.08
N SER A 188 13.63 -10.74 -6.59
CA SER A 188 13.02 -11.37 -5.42
C SER A 188 14.03 -12.26 -4.73
N THR A 189 13.72 -12.61 -3.48
CA THR A 189 14.50 -13.54 -2.69
C THR A 189 13.76 -14.87 -2.59
N VAL A 190 14.49 -15.97 -2.79
CA VAL A 190 13.90 -17.31 -2.84
C VAL A 190 13.79 -17.88 -1.44
N VAL A 191 12.61 -18.39 -1.08
CA VAL A 191 12.40 -19.03 0.21
C VAL A 191 11.71 -20.37 -0.03
N ILE A 192 12.12 -21.39 0.74
CA ILE A 192 11.68 -22.77 0.59
C ILE A 192 11.07 -23.24 1.89
N ALA A 193 10.10 -24.14 1.80
CA ALA A 193 9.51 -24.79 2.97
C ALA A 193 9.76 -26.29 2.91
N THR A 194 10.14 -26.88 4.04
CA THR A 194 10.37 -28.32 4.14
C THR A 194 9.94 -28.81 5.52
N ASP A 195 9.91 -30.12 5.68
CA ASP A 195 9.64 -30.74 6.99
C ASP A 195 10.89 -31.43 7.53
N PRO A 203 7.76 -28.25 9.03
CA PRO A 203 7.62 -26.79 9.12
C PRO A 203 8.96 -26.06 9.30
N CYS A 204 9.70 -25.90 8.21
CA CYS A 204 11.03 -25.30 8.26
C CYS A 204 11.22 -24.44 7.02
N LEU A 205 11.71 -23.22 7.19
CA LEU A 205 11.87 -22.27 6.10
C LEU A 205 13.36 -22.03 5.81
N LEU A 206 13.73 -22.11 4.53
CA LEU A 206 15.12 -21.99 4.13
C LEU A 206 15.29 -20.97 3.01
N THR A 207 16.39 -20.22 3.07
CA THR A 207 16.79 -19.25 2.05
C THR A 207 18.30 -19.34 1.86
N PRO A 208 18.79 -19.00 0.67
CA PRO A 208 20.23 -19.05 0.43
C PRO A 208 20.97 -18.06 1.31
N PRO A 209 22.21 -18.36 1.69
CA PRO A 209 22.94 -17.48 2.59
C PRO A 209 23.34 -16.20 1.87
N PRO A 210 23.47 -15.09 2.59
CA PRO A 210 23.72 -13.79 1.92
C PRO A 210 25.14 -13.60 1.44
N TRP A 211 26.07 -14.47 1.81
CA TRP A 211 27.42 -14.33 1.26
C TRP A 211 27.53 -14.83 -0.17
N TYR A 212 26.50 -15.49 -0.69
CA TYR A 212 26.39 -15.73 -2.11
C TYR A 212 26.25 -14.41 -2.84
N PRO A 213 26.51 -14.39 -4.16
CA PRO A 213 26.34 -13.13 -4.90
C PRO A 213 24.87 -12.73 -5.04
N ILE A 214 24.22 -12.43 -3.92
CA ILE A 214 22.80 -12.11 -3.90
C ILE A 214 22.55 -10.92 -2.97
N LEU A 215 21.39 -10.32 -3.13
CA LEU A 215 20.94 -9.27 -2.23
C LEU A 215 20.40 -9.88 -0.93
N ARG A 216 20.41 -9.07 0.13
CA ARG A 216 19.73 -9.41 1.37
C ARG A 216 18.30 -8.91 1.27
N GLY A 217 17.33 -9.81 1.40
CA GLY A 217 15.94 -9.42 1.27
C GLY A 217 15.39 -8.85 2.56
N THR A 218 14.88 -7.61 2.50
CA THR A 218 14.28 -7.01 3.69
C THR A 218 13.02 -7.75 4.11
N THR A 219 12.22 -8.21 3.13
CA THR A 219 11.00 -8.94 3.46
C THR A 219 11.32 -10.31 4.05
N GLN A 220 12.25 -11.05 3.43
CA GLN A 220 12.60 -12.38 3.93
C GLN A 220 13.14 -12.31 5.35
N GLN A 221 13.98 -11.32 5.65
CA GLN A 221 14.50 -11.18 7.00
C GLN A 221 13.36 -10.92 7.99
N ALA A 222 12.43 -10.03 7.63
CA ALA A 222 11.27 -9.80 8.48
C ALA A 222 10.38 -11.03 8.57
N LEU A 223 10.31 -11.81 7.49
CA LEU A 223 9.55 -13.05 7.51
C LEU A 223 10.17 -14.05 8.48
N PHE A 224 11.50 -14.19 8.45
CA PHE A 224 12.16 -15.09 9.39
C PHE A 224 11.93 -14.64 10.83
N GLU A 225 11.88 -13.32 11.04
CA GLU A 225 11.71 -12.82 12.39
C GLU A 225 10.33 -13.17 12.94
N VAL A 226 9.28 -12.99 12.12
CA VAL A 226 7.94 -13.34 12.55
C VAL A 226 7.77 -14.86 12.60
N ALA A 227 8.30 -15.58 11.61
CA ALA A 227 8.14 -17.02 11.55
C ALA A 227 8.80 -17.70 12.75
N ARG A 228 9.98 -17.25 13.16
CA ARG A 228 10.60 -17.82 14.35
C ARG A 228 9.77 -17.53 15.60
N ALA A 229 9.15 -16.35 15.66
CA ALA A 229 8.39 -15.98 16.84
C ALA A 229 7.12 -16.80 17.00
N LYS A 230 6.59 -17.36 15.91
CA LYS A 230 5.40 -18.19 15.97
C LYS A 230 5.71 -19.68 15.97
N GLY A 231 6.98 -20.06 16.06
CA GLY A 231 7.36 -21.45 16.24
C GLY A 231 7.96 -22.14 15.03
N TYR A 232 8.14 -21.43 13.91
CA TYR A 232 8.68 -22.04 12.70
C TYR A 232 10.20 -21.90 12.68
N ASP A 233 10.90 -22.98 12.37
CA ASP A 233 12.36 -22.96 12.26
C ASP A 233 12.76 -22.37 10.92
N CYS A 234 13.58 -21.32 10.96
CA CYS A 234 14.12 -20.71 9.76
C CYS A 234 15.64 -20.75 9.81
N ASP A 235 16.25 -20.91 8.63
CA ASP A 235 17.70 -21.05 8.59
C ASP A 235 18.18 -20.72 7.18
N TYR A 236 19.46 -20.40 7.08
CA TYR A 236 20.12 -20.14 5.80
C TYR A 236 20.91 -21.38 5.41
N ARG A 237 20.63 -21.92 4.23
CA ARG A 237 21.25 -23.15 3.77
C ARG A 237 21.64 -23.03 2.31
N ALA A 238 22.62 -23.83 1.92
CA ALA A 238 22.95 -23.99 0.51
C ALA A 238 21.92 -24.92 -0.13
N LEU A 239 21.21 -24.43 -1.14
CA LEU A 239 20.18 -25.20 -1.80
C LEU A 239 20.62 -25.50 -3.23
N ARG A 240 20.20 -26.65 -3.74
CA ARG A 240 20.40 -27.01 -5.13
C ARG A 240 19.04 -27.20 -5.77
N VAL A 241 19.01 -27.32 -7.10
CA VAL A 241 17.73 -27.38 -7.81
C VAL A 241 16.87 -28.52 -7.29
N ALA A 242 17.50 -29.65 -6.94
CA ALA A 242 16.74 -30.77 -6.35
C ALA A 242 16.05 -30.36 -5.07
N ASP A 243 16.69 -29.52 -4.25
CA ASP A 243 16.08 -29.07 -3.01
C ASP A 243 14.78 -28.33 -3.26
N LEU A 244 14.68 -27.62 -4.40
CA LEU A 244 13.44 -26.92 -4.73
C LEU A 244 12.31 -27.91 -4.91
N PHE A 245 12.54 -28.99 -5.67
CA PHE A 245 11.48 -29.92 -6.00
C PHE A 245 11.09 -30.81 -4.83
N ASP A 246 12.02 -31.12 -3.93
CA ASP A 246 11.72 -31.91 -2.75
C ASP A 246 11.13 -31.06 -1.63
N SER A 247 10.85 -29.80 -1.90
CA SER A 247 10.33 -28.92 -0.87
C SER A 247 8.81 -29.03 -0.77
N GLN A 248 8.26 -28.44 0.28
CA GLN A 248 6.82 -28.32 0.44
C GLN A 248 6.26 -27.03 -0.14
N GLY A 249 7.10 -26.04 -0.39
CA GLY A 249 6.67 -24.81 -1.03
C GLY A 249 7.83 -23.93 -1.45
N ILE A 250 7.65 -23.17 -2.53
CA ILE A 250 8.65 -22.22 -3.00
C ILE A 250 7.99 -20.86 -3.13
N TRP A 251 8.68 -19.81 -2.69
CA TRP A 251 8.17 -18.46 -2.81
C TRP A 251 9.26 -17.52 -3.28
N LEU A 252 8.83 -16.51 -4.04
CA LEU A 252 9.67 -15.38 -4.42
C LEU A 252 9.19 -14.20 -3.58
N VAL A 253 10.01 -13.79 -2.63
CA VAL A 253 9.63 -12.79 -1.64
C VAL A 253 10.28 -11.47 -2.02
N SER A 254 9.51 -10.38 -1.93
CA SER A 254 10.00 -9.05 -2.24
C SER A 254 9.07 -8.04 -1.59
N SER A 255 9.52 -6.78 -1.56
CA SER A 255 8.77 -5.74 -0.85
C SER A 255 7.44 -5.43 -1.54
N MET A 256 7.39 -5.47 -2.86
CA MET A 256 6.14 -5.19 -3.58
C MET A 256 5.27 -6.42 -3.76
N THR A 257 5.79 -7.43 -4.46
CA THR A 257 5.10 -8.72 -4.54
C THR A 257 5.44 -9.46 -3.25
N LEU A 258 4.53 -9.40 -2.29
CA LEU A 258 4.85 -9.83 -0.93
C LEU A 258 5.35 -11.27 -0.93
N ALA A 259 4.53 -12.19 -1.43
CA ALA A 259 4.94 -13.60 -1.47
C ALA A 259 4.24 -14.21 -2.68
N ALA A 260 5.02 -14.53 -3.71
CA ALA A 260 4.51 -15.17 -4.91
C ALA A 260 4.95 -16.63 -4.88
N ARG A 261 3.98 -17.52 -4.70
CA ARG A 261 4.24 -18.96 -4.69
C ARG A 261 4.53 -19.45 -6.08
N VAL A 262 5.59 -20.25 -6.23
CA VAL A 262 5.91 -20.85 -7.51
C VAL A 262 5.04 -22.09 -7.71
N HIS A 263 4.07 -22.00 -8.59
CA HIS A 263 3.19 -23.12 -8.88
C HIS A 263 3.70 -24.00 -10.01
N THR A 264 4.67 -23.53 -10.79
CA THR A 264 5.28 -24.31 -11.87
C THR A 264 6.74 -23.95 -11.96
N LEU A 265 7.61 -24.96 -11.85
CA LEU A 265 9.05 -24.77 -11.90
C LEU A 265 9.62 -25.62 -13.03
N ASP A 266 10.19 -24.96 -14.03
CA ASP A 266 10.85 -25.64 -15.16
C ASP A 266 9.88 -26.59 -15.87
N GLY A 267 8.60 -26.21 -15.91
CA GLY A 267 7.57 -27.01 -16.55
C GLY A 267 6.86 -27.97 -15.64
N ARG A 268 7.40 -28.27 -14.46
CA ARG A 268 6.79 -29.23 -13.55
C ARG A 268 5.79 -28.51 -12.65
N ARG A 269 4.51 -28.89 -12.75
CA ARG A 269 3.51 -28.33 -11.88
C ARG A 269 3.71 -28.81 -10.44
N LEU A 270 3.76 -27.87 -9.51
CA LEU A 270 3.96 -28.15 -8.10
C LEU A 270 2.65 -28.07 -7.35
N PRO A 271 2.30 -29.07 -6.55
CA PRO A 271 1.01 -29.08 -5.86
C PRO A 271 1.01 -28.13 -4.66
N ARG A 272 -0.20 -27.77 -4.25
CA ARG A 272 -0.35 -26.90 -3.10
C ARG A 272 -0.30 -27.72 -1.81
N THR A 273 0.18 -27.10 -0.73
CA THR A 273 0.41 -27.70 0.56
C THR A 273 -0.24 -26.82 1.63
N PRO A 274 -0.73 -27.40 2.73
CA PRO A 274 -1.34 -26.56 3.78
C PRO A 274 -0.47 -25.40 4.25
N ILE A 275 0.85 -25.52 4.18
CA ILE A 275 1.72 -24.42 4.59
C ILE A 275 1.56 -23.19 3.70
N ALA A 276 0.97 -23.35 2.50
CA ALA A 276 0.93 -22.26 1.55
C ALA A 276 0.03 -21.12 2.04
N GLU A 277 -1.08 -21.44 2.70
CA GLU A 277 -1.96 -20.39 3.22
C GLU A 277 -1.34 -19.72 4.43
N VAL A 278 -0.64 -20.48 5.26
CA VAL A 278 0.02 -19.90 6.42
C VAL A 278 1.17 -19.01 5.97
N PHE A 279 1.85 -19.37 4.88
CA PHE A 279 2.98 -18.58 4.41
C PHE A 279 2.54 -17.17 4.02
N ALA A 280 1.40 -17.05 3.33
CA ALA A 280 0.91 -15.74 2.93
C ALA A 280 0.57 -14.87 4.14
N GLU A 281 0.01 -15.48 5.19
CA GLU A 281 -0.34 -14.73 6.39
C GLU A 281 0.91 -14.24 7.13
N LEU A 282 1.96 -15.06 7.18
CA LEU A 282 3.17 -14.67 7.91
C LEU A 282 3.81 -13.42 7.28
N VAL A 283 3.90 -13.39 5.95
CA VAL A 283 4.48 -12.23 5.28
C VAL A 283 3.64 -10.99 5.52
N ASP A 284 2.31 -11.15 5.57
CA ASP A 284 1.44 -10.03 5.91
C ASP A 284 1.79 -9.44 7.27
N ALA A 285 2.01 -10.30 8.27
CA ALA A 285 2.37 -9.81 9.59
C ALA A 285 3.79 -9.28 9.65
N ALA A 286 4.69 -9.78 8.78
CA ALA A 286 6.08 -9.37 8.84
C ALA A 286 6.25 -7.91 8.42
N ILE A 287 5.57 -7.50 7.35
CA ILE A 287 5.78 -6.17 6.78
C ILE A 287 5.16 -5.10 7.66
N VAL A 288 4.49 -5.50 8.74
CA VAL A 288 3.98 -4.54 9.71
C VAL A 288 4.54 -4.82 11.11
N SER A 289 5.66 -5.54 11.20
CA SER A 289 6.28 -5.79 12.51
C SER A 289 6.82 -4.52 13.13
N ASP A 290 7.26 -3.55 12.33
CA ASP A 290 7.76 -2.30 12.87
C ASP A 290 6.66 -1.47 13.51
N ARG A 291 5.39 -1.76 13.22
CA ARG A 291 4.28 -1.04 13.83
C ARG A 291 3.85 -1.70 15.14
N ASN B 1 30.86 22.16 -20.24
CA ASN B 1 29.67 21.30 -20.25
C ASN B 1 29.39 20.74 -21.64
N ALA B 2 28.28 20.02 -21.76
CA ALA B 2 27.98 19.21 -22.94
C ALA B 2 26.90 19.86 -23.80
N MET B 3 26.69 19.24 -24.96
CA MET B 3 25.67 19.63 -25.92
C MET B 3 24.73 18.44 -26.12
N VAL B 4 23.43 18.72 -26.24
CA VAL B 4 22.43 17.68 -26.42
C VAL B 4 21.69 17.95 -27.72
N VAL B 5 21.50 16.90 -28.52
CA VAL B 5 20.74 16.97 -29.76
C VAL B 5 19.78 15.80 -29.80
N THR B 6 18.48 16.10 -29.80
CA THR B 6 17.47 15.05 -29.96
C THR B 6 17.36 14.66 -31.43
N LEU B 7 16.74 13.51 -31.67
CA LEU B 7 16.63 13.01 -33.04
C LEU B 7 15.75 13.89 -33.91
N ASP B 8 14.94 14.77 -33.32
CA ASP B 8 14.26 15.78 -34.11
C ASP B 8 15.22 16.78 -34.75
N GLY B 9 16.47 16.78 -34.33
CA GLY B 9 17.46 17.74 -34.81
C GLY B 9 17.51 19.01 -33.99
N GLU B 10 16.81 19.06 -32.86
CA GLU B 10 16.74 20.25 -32.04
C GLU B 10 17.85 20.20 -31.00
N ILE B 11 18.61 21.29 -30.89
CA ILE B 11 19.70 21.40 -29.94
C ILE B 11 19.15 22.01 -28.65
N LEU B 12 19.48 21.39 -27.53
CA LEU B 12 18.90 21.73 -26.24
C LEU B 12 19.65 22.90 -25.62
N GLN B 13 18.91 23.71 -24.86
CA GLN B 13 19.54 24.76 -24.08
C GLN B 13 20.48 24.14 -23.05
N PRO B 14 21.58 24.82 -22.73
CA PRO B 14 22.61 24.15 -21.90
C PRO B 14 22.12 23.72 -20.53
N GLY B 15 21.21 24.48 -19.92
CA GLY B 15 20.72 24.18 -18.57
C GLY B 15 19.43 23.38 -18.45
N MET B 16 18.74 23.08 -19.53
CA MET B 16 17.42 22.43 -19.42
C MET B 16 17.55 20.94 -19.15
N PRO B 17 16.84 20.43 -18.14
CA PRO B 17 16.76 18.98 -17.94
C PRO B 17 15.92 18.33 -19.04
N LEU B 18 16.33 17.13 -19.43
CA LEU B 18 15.71 16.43 -20.55
C LEU B 18 14.90 15.20 -20.15
N LEU B 19 15.39 14.39 -19.22
CA LEU B 19 14.80 13.09 -18.92
C LEU B 19 13.77 13.17 -17.82
N HIS B 20 12.78 12.28 -17.89
CA HIS B 20 11.75 12.20 -16.86
C HIS B 20 12.24 11.35 -15.69
N ALA B 21 11.62 11.57 -14.52
CA ALA B 21 12.01 10.86 -13.32
C ALA B 21 11.75 9.36 -13.42
N ASP B 22 10.86 8.95 -14.33
CA ASP B 22 10.49 7.55 -14.52
C ASP B 22 11.07 6.99 -15.82
N ASP B 23 12.12 7.61 -16.36
CA ASP B 23 12.77 7.08 -17.55
C ASP B 23 13.55 5.82 -17.19
N LEU B 24 13.32 4.74 -17.94
CA LEU B 24 13.93 3.46 -17.61
C LEU B 24 15.45 3.46 -17.73
N ALA B 25 16.03 4.45 -18.39
CA ALA B 25 17.49 4.54 -18.40
C ALA B 25 18.03 4.86 -17.02
N ALA B 26 17.29 5.64 -16.23
CA ALA B 26 17.70 6.01 -14.90
C ALA B 26 17.12 5.12 -13.82
N VAL B 27 15.91 4.59 -14.01
CA VAL B 27 15.30 3.77 -12.97
C VAL B 27 15.85 2.35 -12.97
N ARG B 28 16.17 1.83 -14.16
CA ARG B 28 16.65 0.45 -14.31
C ARG B 28 17.89 0.28 -15.17
N GLY B 29 18.49 1.37 -15.66
CA GLY B 29 19.62 1.20 -16.56
C GLY B 29 19.26 0.45 -17.82
N ASP B 30 17.99 0.51 -18.22
CA ASP B 30 17.44 -0.28 -19.32
C ASP B 30 17.61 0.51 -20.60
N GLY B 31 18.72 0.27 -21.30
CA GLY B 31 18.98 0.94 -22.57
C GLY B 31 20.34 0.55 -23.09
N VAL B 32 20.65 1.08 -24.28
CA VAL B 32 21.94 0.82 -24.93
C VAL B 32 22.56 2.15 -25.32
N PHE B 33 23.88 2.13 -25.51
CA PHE B 33 24.59 3.36 -25.86
C PHE B 33 25.81 3.04 -26.72
N GLU B 34 26.34 4.09 -27.34
CA GLU B 34 27.58 4.03 -28.11
C GLU B 34 28.38 5.30 -27.86
N THR B 35 29.70 5.17 -27.95
CA THR B 35 30.61 6.29 -27.72
C THR B 35 31.43 6.53 -28.98
N LEU B 36 31.49 7.78 -29.42
CA LEU B 36 32.17 8.17 -30.64
C LEU B 36 33.21 9.23 -30.34
N LEU B 37 34.30 9.18 -31.11
CA LEU B 37 35.36 10.19 -31.02
C LEU B 37 35.17 11.22 -32.12
N VAL B 38 35.22 12.49 -31.75
CA VAL B 38 35.23 13.59 -32.71
C VAL B 38 36.68 14.04 -32.88
N ARG B 39 37.22 13.84 -34.08
CA ARG B 39 38.60 14.23 -34.36
C ARG B 39 38.66 14.80 -35.77
N ASP B 40 39.29 15.98 -35.89
CA ASP B 40 39.49 16.65 -37.18
C ASP B 40 38.18 16.84 -37.92
N GLY B 41 37.20 17.43 -37.23
CA GLY B 41 35.99 17.90 -37.85
C GLY B 41 34.93 16.86 -38.12
N ARG B 42 35.18 15.58 -37.81
CA ARG B 42 34.20 14.54 -38.07
C ARG B 42 34.24 13.51 -36.95
N ALA B 43 33.12 12.79 -36.81
CA ALA B 43 33.08 11.64 -35.92
C ALA B 43 33.66 10.42 -36.62
N CYS B 44 34.30 9.56 -35.82
CA CYS B 44 35.08 8.44 -36.34
C CYS B 44 34.25 7.16 -36.34
N LEU B 45 34.27 6.45 -37.46
CA LEU B 45 33.60 5.16 -37.61
C LEU B 45 32.12 5.26 -37.22
N VAL B 46 31.42 6.19 -37.86
CA VAL B 46 30.01 6.42 -37.52
C VAL B 46 29.18 5.18 -37.85
N GLU B 47 29.35 4.65 -39.07
CA GLU B 47 28.52 3.54 -39.51
C GLU B 47 28.80 2.26 -38.72
N ALA B 48 30.08 2.00 -38.43
CA ALA B 48 30.42 0.82 -37.63
C ALA B 48 29.79 0.89 -36.24
N HIS B 49 29.68 2.09 -35.68
CA HIS B 49 29.05 2.23 -34.37
C HIS B 49 27.54 2.07 -34.45
N LEU B 50 26.93 2.58 -35.54
CA LEU B 50 25.48 2.43 -35.68
C LEU B 50 25.07 0.98 -35.89
N GLN B 51 25.95 0.17 -36.48
CA GLN B 51 25.64 -1.25 -36.62
C GLN B 51 25.62 -1.93 -35.26
N ARG B 52 26.58 -1.57 -34.40
CA ARG B 52 26.59 -2.14 -33.05
C ARG B 52 25.42 -1.63 -32.22
N LEU B 53 24.99 -0.38 -32.46
CA LEU B 53 23.78 0.11 -31.81
C LEU B 53 22.57 -0.73 -32.19
N THR B 54 22.47 -1.10 -33.47
CA THR B 54 21.39 -1.99 -33.89
C THR B 54 21.50 -3.35 -33.21
N GLN B 55 22.72 -3.91 -33.15
CA GLN B 55 22.88 -5.23 -32.55
C GLN B 55 22.58 -5.20 -31.06
N SER B 56 22.98 -4.13 -30.38
CA SER B 56 22.66 -3.98 -28.97
C SER B 56 21.16 -3.81 -28.76
N ALA B 57 20.53 -3.00 -29.62
CA ALA B 57 19.09 -2.77 -29.49
C ALA B 57 18.31 -4.04 -29.73
N ARG B 58 18.77 -4.86 -30.69
CA ARG B 58 18.09 -6.11 -31.00
C ARG B 58 18.15 -7.07 -29.83
N LEU B 59 19.31 -7.13 -29.16
CA LEU B 59 19.49 -7.96 -27.98
C LEU B 59 18.66 -7.48 -26.80
N MET B 60 18.27 -6.21 -26.78
CA MET B 60 17.56 -5.62 -25.66
C MET B 60 16.08 -5.45 -25.93
N ASP B 61 15.56 -5.99 -27.03
CA ASP B 61 14.14 -5.91 -27.38
C ASP B 61 13.66 -4.45 -27.47
N LEU B 62 14.58 -3.53 -27.83
CA LEU B 62 14.29 -2.12 -28.07
C LEU B 62 13.87 -1.92 -29.52
N PRO B 63 13.02 -0.92 -29.78
CA PRO B 63 12.63 -0.65 -31.16
C PRO B 63 13.87 -0.44 -32.03
N GLU B 64 13.83 -0.97 -33.24
CA GLU B 64 15.02 -0.94 -34.08
C GLU B 64 15.40 0.50 -34.39
N PRO B 65 16.64 0.90 -34.13
CA PRO B 65 16.99 2.32 -34.26
C PRO B 65 16.87 2.81 -35.69
N ASP B 66 16.34 4.03 -35.83
CA ASP B 66 16.14 4.68 -37.12
C ASP B 66 17.44 5.36 -37.52
N LEU B 67 18.24 4.67 -38.34
CA LEU B 67 19.56 5.18 -38.65
C LEU B 67 19.57 6.51 -39.38
N PRO B 68 18.70 6.78 -40.37
CA PRO B 68 18.67 8.13 -40.97
C PRO B 68 18.50 9.26 -39.96
N ARG B 69 17.67 9.08 -38.93
CA ARG B 69 17.51 10.13 -37.93
C ARG B 69 18.71 10.22 -36.99
N TRP B 70 19.35 9.09 -36.67
CA TRP B 70 20.54 9.12 -35.83
C TRP B 70 21.70 9.79 -36.56
N ARG B 71 21.87 9.47 -37.83
CA ARG B 71 22.95 10.07 -38.60
C ARG B 71 22.80 11.58 -38.69
N ARG B 72 21.58 12.08 -38.85
CA ARG B 72 21.38 13.53 -38.91
C ARG B 72 21.68 14.18 -37.56
N ALA B 73 21.29 13.54 -36.46
CA ALA B 73 21.60 14.10 -35.15
C ALA B 73 23.09 14.11 -34.87
N VAL B 74 23.82 13.10 -35.36
CA VAL B 74 25.27 13.09 -35.20
C VAL B 74 25.90 14.20 -36.01
N GLU B 75 25.43 14.43 -37.23
CA GLU B 75 25.99 15.48 -38.08
C GLU B 75 25.71 16.86 -37.48
N VAL B 76 24.54 17.04 -36.89
CA VAL B 76 24.20 18.32 -36.27
C VAL B 76 25.05 18.55 -35.03
N ALA B 77 25.15 17.52 -34.17
CA ALA B 77 25.96 17.65 -32.95
C ALA B 77 27.42 17.85 -33.29
N THR B 78 27.92 17.18 -34.33
CA THR B 78 29.30 17.35 -34.74
C THR B 78 29.57 18.79 -35.16
N GLN B 79 28.69 19.34 -36.00
CA GLN B 79 28.91 20.70 -36.48
C GLN B 79 28.86 21.72 -35.35
N ARG B 80 28.14 21.42 -34.27
CA ARG B 80 28.14 22.33 -33.13
C ARG B 80 29.44 22.25 -32.35
N TRP B 81 29.99 21.05 -32.18
CA TRP B 81 31.25 20.90 -31.44
C TRP B 81 32.41 21.54 -32.20
N VAL B 82 32.62 21.13 -33.46
CA VAL B 82 33.74 21.65 -34.23
C VAL B 82 33.63 23.15 -34.44
N ALA B 83 32.41 23.69 -34.43
CA ALA B 83 32.25 25.14 -34.52
C ALA B 83 32.72 25.83 -33.24
N SER B 84 32.49 25.18 -32.08
CA SER B 84 32.80 25.78 -30.80
C SER B 84 34.28 25.59 -30.41
N THR B 85 34.89 24.48 -30.82
CA THR B 85 36.25 24.18 -30.40
C THR B 85 36.94 23.33 -31.46
N ALA B 86 38.27 23.36 -31.42
CA ALA B 86 39.10 22.46 -32.22
C ALA B 86 39.53 21.22 -31.44
N ASP B 87 39.15 21.12 -30.16
CA ASP B 87 39.55 19.97 -29.37
C ASP B 87 38.77 18.74 -29.78
N GLU B 88 39.31 17.58 -29.42
CA GLU B 88 38.57 16.33 -29.65
C GLU B 88 37.34 16.29 -28.75
N GLY B 89 36.32 15.58 -29.21
CA GLY B 89 35.06 15.53 -28.51
C GLY B 89 34.63 14.11 -28.23
N ALA B 90 33.85 13.96 -27.17
CA ALA B 90 33.30 12.68 -26.76
C ALA B 90 31.81 12.67 -27.12
N LEU B 91 31.46 11.94 -28.17
CA LEU B 91 30.08 11.88 -28.64
C LEU B 91 29.46 10.58 -28.16
N ARG B 92 28.27 10.68 -27.56
CA ARG B 92 27.58 9.53 -27.02
C ARG B 92 26.17 9.45 -27.57
N LEU B 93 25.73 8.24 -27.89
CA LEU B 93 24.38 7.96 -28.38
C LEU B 93 23.64 7.22 -27.26
N ILE B 94 22.57 7.82 -26.75
CA ILE B 94 21.80 7.25 -25.66
C ILE B 94 20.45 6.78 -26.19
N TYR B 95 20.13 5.52 -25.93
CA TYR B 95 18.94 4.89 -26.52
C TYR B 95 18.28 4.05 -25.42
N SER B 96 17.25 4.62 -24.79
CA SER B 96 16.57 4.00 -23.66
C SER B 96 15.23 3.43 -24.09
N ARG B 97 14.66 2.59 -23.21
CA ARG B 97 13.34 2.03 -23.45
C ARG B 97 12.24 3.08 -23.32
N GLY B 98 12.55 4.26 -22.81
CA GLY B 98 11.55 5.30 -22.66
C GLY B 98 11.06 5.39 -21.24
N ARG B 99 9.97 6.14 -21.08
CA ARG B 99 9.38 6.25 -19.76
C ARG B 99 8.69 4.94 -19.40
N GLU B 100 8.42 4.77 -18.11
CA GLU B 100 7.74 3.58 -17.65
C GLU B 100 6.24 3.73 -17.89
N GLY B 101 5.64 2.69 -18.49
CA GLY B 101 4.26 2.78 -18.93
C GLY B 101 4.03 3.62 -20.18
N GLY B 102 5.10 4.08 -20.82
CA GLY B 102 5.02 4.82 -22.07
C GLY B 102 5.86 4.16 -23.15
N SER B 103 5.31 4.01 -24.35
CA SER B 103 5.96 3.19 -25.37
C SER B 103 7.04 3.92 -26.15
N ALA B 104 7.10 5.24 -26.11
CA ALA B 104 8.06 5.96 -26.93
C ALA B 104 9.46 5.83 -26.32
N PRO B 105 10.43 5.27 -27.05
CA PRO B 105 11.78 5.15 -26.48
C PRO B 105 12.49 6.50 -26.43
N THR B 106 13.39 6.62 -25.45
CA THR B 106 14.19 7.83 -25.26
C THR B 106 15.46 7.75 -26.08
N ALA B 107 15.69 8.78 -26.90
CA ALA B 107 16.85 8.79 -27.79
C ALA B 107 17.39 10.20 -27.93
N TYR B 108 18.71 10.34 -27.76
CA TYR B 108 19.38 11.61 -27.97
C TYR B 108 20.87 11.36 -28.10
N VAL B 109 21.56 12.30 -28.73
CA VAL B 109 23.01 12.26 -28.83
C VAL B 109 23.59 13.36 -27.95
N MET B 110 24.79 13.12 -27.44
CA MET B 110 25.40 14.05 -26.52
C MET B 110 26.90 14.08 -26.74
N VAL B 111 27.47 15.27 -26.87
CA VAL B 111 28.90 15.44 -27.01
C VAL B 111 29.40 16.25 -25.83
N SER B 112 30.53 15.83 -25.27
CA SER B 112 31.14 16.45 -24.10
C SER B 112 32.64 16.47 -24.34
N PRO B 113 33.39 17.27 -23.58
CA PRO B 113 34.85 17.28 -23.76
C PRO B 113 35.45 15.93 -23.43
N VAL B 114 36.54 15.62 -24.11
CA VAL B 114 37.26 14.37 -23.85
C VAL B 114 38.02 14.51 -22.53
N PRO B 115 37.84 13.59 -21.58
CA PRO B 115 38.54 13.72 -20.30
C PRO B 115 40.04 13.70 -20.48
N ALA B 116 40.74 14.37 -19.57
CA ALA B 116 42.20 14.45 -19.62
C ALA B 116 42.87 13.13 -19.32
N ARG B 117 42.18 12.23 -18.60
CA ARG B 117 42.75 10.91 -18.30
C ARG B 117 43.10 10.15 -19.56
N VAL B 118 42.26 10.25 -20.59
CA VAL B 118 42.51 9.50 -21.82
C VAL B 118 43.73 10.07 -22.54
N ILE B 119 43.94 11.38 -22.46
CA ILE B 119 45.09 11.98 -23.15
C ILE B 119 46.38 11.46 -22.53
N GLY B 120 46.39 11.27 -21.22
CA GLY B 120 47.55 10.67 -20.58
C GLY B 120 47.69 9.20 -20.90
N ALA B 121 46.56 8.47 -20.92
CA ALA B 121 46.60 7.04 -21.23
C ALA B 121 47.11 6.79 -22.63
N ARG B 122 46.70 7.62 -23.59
CA ARG B 122 47.26 7.57 -24.94
C ARG B 122 48.74 7.89 -24.90
N ARG B 123 49.12 8.92 -24.13
CA ARG B 123 50.47 9.44 -24.10
C ARG B 123 51.40 8.56 -23.29
N ASP B 124 51.02 8.19 -22.07
CA ASP B 124 51.91 7.51 -21.13
C ASP B 124 51.65 6.01 -21.00
N GLY B 125 50.44 5.55 -21.31
CA GLY B 125 50.08 4.17 -21.07
C GLY B 125 49.48 3.97 -19.70
N VAL B 126 49.14 2.72 -19.40
CA VAL B 126 48.39 2.39 -18.19
C VAL B 126 49.08 1.25 -17.46
N SER B 127 48.85 1.19 -16.15
CA SER B 127 49.12 0.00 -15.35
C SER B 127 47.79 -0.69 -15.08
N ALA B 128 47.74 -2.00 -15.26
CA ALA B 128 46.49 -2.74 -15.16
C ALA B 128 46.66 -3.96 -14.25
N ILE B 129 45.54 -4.41 -13.69
CA ILE B 129 45.52 -5.64 -12.90
C ILE B 129 44.55 -6.62 -13.55
N THR B 130 44.84 -7.90 -13.38
CA THR B 130 43.92 -8.95 -13.81
C THR B 130 42.91 -9.23 -12.71
N LEU B 131 41.65 -9.39 -13.10
CA LEU B 131 40.59 -9.73 -12.16
C LEU B 131 39.70 -10.81 -12.75
N ASP B 132 39.27 -11.73 -11.90
CA ASP B 132 38.35 -12.78 -12.32
C ASP B 132 36.96 -12.18 -12.52
N ARG B 133 36.44 -12.26 -13.74
CA ARG B 133 35.12 -11.71 -14.02
C ARG B 133 34.02 -12.56 -13.40
N GLY B 134 34.26 -13.85 -13.23
CA GLY B 134 33.25 -14.75 -12.73
C GLY B 134 32.51 -15.54 -13.78
N LEU B 135 32.63 -15.15 -15.08
CA LEU B 135 31.94 -15.89 -16.12
C LEU B 135 32.87 -16.88 -16.79
N PRO B 136 32.35 -18.02 -17.21
CA PRO B 136 33.14 -18.95 -18.03
C PRO B 136 33.24 -18.48 -19.48
N ALA B 137 34.08 -19.17 -20.25
CA ALA B 137 34.33 -18.76 -21.62
C ALA B 137 33.12 -19.00 -22.53
N ASP B 138 32.26 -19.97 -22.19
CA ASP B 138 31.01 -20.21 -22.94
C ASP B 138 29.89 -19.26 -22.55
N GLY B 139 30.22 -18.15 -21.87
CA GLY B 139 29.18 -17.33 -21.29
C GLY B 139 28.34 -16.58 -22.31
N GLY B 140 28.99 -16.01 -23.33
CA GLY B 140 28.24 -15.19 -24.29
C GLY B 140 27.27 -15.98 -25.13
N ASP B 141 27.64 -17.20 -25.51
CA ASP B 141 26.82 -18.02 -26.40
C ASP B 141 25.91 -18.98 -25.64
N ALA B 142 26.48 -19.79 -24.75
CA ALA B 142 25.67 -20.77 -24.02
C ALA B 142 24.68 -20.10 -23.07
N MET B 143 24.90 -18.83 -22.74
CA MET B 143 24.01 -18.06 -21.89
C MET B 143 23.70 -16.74 -22.59
N PRO B 144 22.82 -16.78 -23.61
CA PRO B 144 22.47 -15.53 -24.31
C PRO B 144 21.65 -14.58 -23.47
N TRP B 145 20.92 -15.08 -22.47
CA TRP B 145 20.08 -14.22 -21.64
C TRP B 145 20.88 -13.21 -20.84
N LEU B 146 22.19 -13.41 -20.71
CA LEU B 146 23.02 -12.52 -19.94
C LEU B 146 23.51 -11.32 -20.75
N ILE B 147 23.13 -11.24 -22.03
CA ILE B 147 23.38 -10.13 -22.95
C ILE B 147 24.77 -9.52 -22.75
N ALA B 148 25.78 -10.38 -22.57
CA ALA B 148 27.13 -9.90 -22.34
C ALA B 148 27.70 -9.18 -23.55
N SER B 149 27.17 -9.42 -24.74
CA SER B 149 27.66 -8.83 -25.98
C SER B 149 27.02 -7.48 -26.30
N ALA B 150 26.19 -6.95 -25.40
CA ALA B 150 25.48 -5.70 -25.63
C ALA B 150 26.10 -4.57 -24.80
N LYS B 151 26.24 -3.40 -25.42
CA LYS B 151 26.70 -2.20 -24.74
C LYS B 151 25.50 -1.54 -24.08
N THR B 152 25.19 -1.95 -22.85
CA THR B 152 24.02 -1.45 -22.16
C THR B 152 24.38 -0.24 -21.28
N LEU B 153 23.35 0.47 -20.83
CA LEU B 153 23.48 1.58 -19.91
C LEU B 153 23.72 1.14 -18.47
N SER B 154 23.84 -0.16 -18.23
CA SER B 154 24.07 -0.69 -16.88
C SER B 154 25.57 -0.92 -16.68
N TYR B 155 26.26 0.17 -16.36
CA TYR B 155 27.71 0.21 -16.24
C TYR B 155 28.18 0.32 -14.80
N ALA B 156 27.31 0.04 -13.82
CA ALA B 156 27.67 0.23 -12.43
C ALA B 156 28.84 -0.66 -12.00
N VAL B 157 28.82 -1.93 -12.42
CA VAL B 157 29.89 -2.85 -12.02
C VAL B 157 31.19 -2.49 -12.70
N ASN B 158 31.12 -2.12 -13.98
CA ASN B 158 32.31 -1.67 -14.69
C ASN B 158 32.98 -0.51 -13.96
N MET B 159 32.19 0.45 -13.49
CA MET B 159 32.74 1.60 -12.77
C MET B 159 33.25 1.18 -11.40
N ALA B 160 32.56 0.26 -10.74
CA ALA B 160 33.04 -0.24 -9.46
C ALA B 160 34.34 -1.02 -9.61
N VAL B 161 34.47 -1.76 -10.72
CA VAL B 161 35.70 -2.50 -10.96
C VAL B 161 36.86 -1.53 -11.13
N LEU B 162 36.62 -0.40 -11.79
CA LEU B 162 37.67 0.60 -11.94
C LEU B 162 37.98 1.26 -10.60
N ARG B 163 36.96 1.58 -9.81
CA ARG B 163 37.22 2.12 -8.46
C ARG B 163 38.06 1.16 -7.63
N HIS B 164 37.79 -0.15 -7.76
CA HIS B 164 38.58 -1.15 -7.05
C HIS B 164 40.04 -1.11 -7.49
N ALA B 165 40.27 -1.03 -8.81
CA ALA B 165 41.63 -0.97 -9.31
C ALA B 165 42.32 0.32 -8.91
N ALA B 166 41.56 1.42 -8.87
CA ALA B 166 42.16 2.69 -8.46
C ALA B 166 42.69 2.62 -7.05
N ARG B 167 41.94 1.98 -6.13
CA ARG B 167 42.42 1.81 -4.77
C ARG B 167 43.63 0.88 -4.68
N GLN B 168 43.87 0.05 -5.69
CA GLN B 168 45.05 -0.80 -5.75
C GLN B 168 46.22 -0.15 -6.50
N GLY B 169 46.08 1.10 -6.92
CA GLY B 169 47.11 1.79 -7.67
C GLY B 169 47.19 1.45 -9.13
N ALA B 170 46.17 0.79 -9.67
CA ALA B 170 46.13 0.39 -11.07
C ALA B 170 45.19 1.30 -11.86
N GLY B 171 45.53 1.53 -13.12
CA GLY B 171 44.77 2.43 -13.98
C GLY B 171 43.68 1.76 -14.78
N ASP B 172 43.72 0.43 -14.88
CA ASP B 172 42.69 -0.30 -15.61
C ASP B 172 42.72 -1.76 -15.16
N VAL B 173 41.88 -2.57 -15.80
CA VAL B 173 41.66 -3.97 -15.42
C VAL B 173 41.58 -4.82 -16.68
N ILE B 174 42.05 -6.07 -16.56
CA ILE B 174 41.86 -7.09 -17.58
C ILE B 174 41.07 -8.23 -16.96
N PHE B 175 39.83 -8.41 -17.42
CA PHE B 175 38.98 -9.51 -16.93
C PHE B 175 39.45 -10.85 -17.47
N VAL B 176 39.44 -11.86 -16.60
CA VAL B 176 39.81 -13.22 -16.97
C VAL B 176 38.71 -14.17 -16.51
N SER B 177 38.36 -15.14 -17.34
CA SER B 177 37.27 -16.05 -17.06
C SER B 177 37.64 -17.00 -15.91
N THR B 178 36.61 -17.66 -15.38
CA THR B 178 36.83 -18.64 -14.31
C THR B 178 37.73 -19.78 -14.76
N ASP B 179 37.68 -20.15 -16.03
CA ASP B 179 38.57 -21.18 -16.55
C ASP B 179 39.94 -20.64 -16.95
N GLY B 180 40.16 -19.33 -16.82
CA GLY B 180 41.47 -18.75 -17.00
C GLY B 180 41.77 -18.14 -18.36
N TYR B 181 40.77 -17.78 -19.14
CA TYR B 181 40.97 -17.17 -20.44
C TYR B 181 40.72 -15.66 -20.37
N VAL B 182 41.56 -14.89 -21.07
CA VAL B 182 41.44 -13.44 -21.07
C VAL B 182 40.15 -13.02 -21.77
N LEU B 183 39.40 -12.11 -21.14
CA LEU B 183 38.12 -11.67 -21.66
C LEU B 183 38.28 -10.28 -22.24
N GLU B 184 38.14 -9.23 -21.45
CA GLU B 184 38.21 -7.86 -21.96
C GLU B 184 38.43 -6.93 -20.77
N GLY B 185 38.55 -5.65 -21.06
CA GLY B 185 38.58 -4.65 -20.03
C GLY B 185 37.18 -4.13 -19.72
N PRO B 186 37.02 -3.50 -18.57
CA PRO B 186 35.70 -2.91 -18.24
C PRO B 186 35.30 -1.79 -19.19
N ARG B 187 36.24 -1.17 -19.92
CA ARG B 187 35.89 -0.16 -20.90
C ARG B 187 36.74 -0.27 -22.17
N SER B 188 37.33 -1.43 -22.43
CA SER B 188 38.28 -1.58 -23.53
C SER B 188 38.33 -3.04 -23.95
N THR B 189 38.83 -3.26 -25.16
CA THR B 189 39.10 -4.58 -25.70
C THR B 189 40.60 -4.82 -25.77
N VAL B 190 41.03 -6.03 -25.41
CA VAL B 190 42.44 -6.38 -25.30
C VAL B 190 42.97 -6.82 -26.66
N VAL B 191 44.12 -6.27 -27.04
CA VAL B 191 44.82 -6.63 -28.27
C VAL B 191 46.27 -6.96 -27.93
N ILE B 192 46.80 -8.01 -28.56
CA ILE B 192 48.13 -8.52 -28.25
C ILE B 192 48.98 -8.51 -29.52
N ALA B 193 50.30 -8.39 -29.31
CA ALA B 193 51.28 -8.45 -30.39
C ALA B 193 52.22 -9.62 -30.16
N THR B 194 52.53 -10.35 -31.23
CA THR B 194 53.44 -11.48 -31.13
C THR B 194 54.23 -11.58 -32.44
N ASP B 195 54.94 -12.70 -32.61
CA ASP B 195 55.82 -12.89 -33.75
C ASP B 195 55.68 -14.29 -34.35
N PRO B 203 54.73 -10.96 -38.22
CA PRO B 203 54.12 -10.21 -37.11
C PRO B 203 52.60 -10.37 -37.10
N CYS B 204 52.02 -10.75 -35.97
CA CYS B 204 50.58 -11.00 -35.94
C CYS B 204 49.97 -10.48 -34.65
N LEU B 205 48.79 -9.88 -34.79
CA LEU B 205 48.06 -9.24 -33.70
C LEU B 205 46.86 -10.11 -33.31
N LEU B 206 46.68 -10.33 -32.01
CA LEU B 206 45.68 -11.25 -31.50
C LEU B 206 44.80 -10.56 -30.47
N THR B 207 43.52 -10.91 -30.48
CA THR B 207 42.53 -10.44 -29.51
C THR B 207 41.64 -11.62 -29.16
N PRO B 208 41.04 -11.63 -27.97
CA PRO B 208 40.17 -12.74 -27.60
C PRO B 208 39.00 -12.84 -28.56
N PRO B 209 38.50 -14.05 -28.81
CA PRO B 209 37.46 -14.22 -29.82
C PRO B 209 36.14 -13.61 -29.38
N PRO B 210 35.31 -13.15 -30.32
CA PRO B 210 34.11 -12.39 -29.93
C PRO B 210 32.96 -13.24 -29.43
N TRP B 211 33.01 -14.57 -29.61
CA TRP B 211 31.94 -15.40 -29.10
C TRP B 211 32.05 -15.63 -27.59
N TYR B 212 33.16 -15.21 -26.97
CA TYR B 212 33.25 -15.14 -25.52
C TYR B 212 32.26 -14.11 -24.98
N PRO B 213 31.94 -14.17 -23.68
CA PRO B 213 31.03 -13.16 -23.11
C PRO B 213 31.64 -11.77 -23.07
N ILE B 214 31.95 -11.20 -24.25
CA ILE B 214 32.57 -9.90 -24.38
C ILE B 214 31.94 -9.16 -25.56
N LEU B 215 32.13 -7.85 -25.58
CA LEU B 215 31.69 -7.02 -26.70
C LEU B 215 32.67 -7.13 -27.88
N ARG B 216 32.16 -6.88 -29.08
CA ARG B 216 32.99 -6.72 -30.27
C ARG B 216 33.34 -5.23 -30.43
N GLY B 217 34.64 -4.94 -30.43
CA GLY B 217 35.10 -3.55 -30.48
C GLY B 217 35.12 -2.97 -31.89
N THR B 218 34.47 -1.81 -32.06
CA THR B 218 34.51 -1.13 -33.35
C THR B 218 35.91 -0.69 -33.70
N THR B 219 36.68 -0.24 -32.71
CA THR B 219 38.05 0.17 -32.95
C THR B 219 38.93 -1.04 -33.28
N GLN B 220 38.80 -2.10 -32.48
CA GLN B 220 39.59 -3.31 -32.71
C GLN B 220 39.33 -3.90 -34.08
N GLN B 221 38.06 -3.97 -34.50
CA GLN B 221 37.75 -4.51 -35.82
C GLN B 221 38.34 -3.64 -36.93
N ALA B 222 38.21 -2.31 -36.81
CA ALA B 222 38.81 -1.42 -37.78
C ALA B 222 40.33 -1.50 -37.75
N LEU B 223 40.91 -1.76 -36.57
CA LEU B 223 42.35 -1.93 -36.46
C LEU B 223 42.81 -3.17 -37.20
N PHE B 224 42.12 -4.30 -37.02
CA PHE B 224 42.50 -5.52 -37.70
C PHE B 224 42.41 -5.37 -39.22
N GLU B 225 41.40 -4.65 -39.69
CA GLU B 225 41.21 -4.51 -41.13
C GLU B 225 42.34 -3.72 -41.78
N VAL B 226 42.77 -2.61 -41.17
CA VAL B 226 43.88 -1.85 -41.74
C VAL B 226 45.17 -2.63 -41.61
N ALA B 227 45.36 -3.31 -40.47
CA ALA B 227 46.59 -4.06 -40.25
C ALA B 227 46.72 -5.19 -41.27
N ARG B 228 45.60 -5.85 -41.59
CA ARG B 228 45.62 -6.88 -42.62
C ARG B 228 45.96 -6.30 -43.98
N ALA B 229 45.46 -5.09 -44.26
CA ALA B 229 45.73 -4.44 -45.54
C ALA B 229 47.19 -4.01 -45.65
N LYS B 230 47.87 -3.79 -44.52
CA LYS B 230 49.25 -3.36 -44.51
C LYS B 230 50.22 -4.52 -44.32
N GLY B 231 49.73 -5.75 -44.31
CA GLY B 231 50.58 -6.93 -44.26
C GLY B 231 50.61 -7.65 -42.94
N TYR B 232 49.86 -7.21 -41.95
CA TYR B 232 49.86 -7.85 -40.64
C TYR B 232 48.82 -8.96 -40.61
N ASP B 233 49.21 -10.13 -40.14
CA ASP B 233 48.27 -11.22 -39.91
C ASP B 233 47.54 -10.97 -38.59
N CYS B 234 46.22 -10.94 -38.62
CA CYS B 234 45.44 -10.78 -37.41
C CYS B 234 44.55 -12.00 -37.22
N ASP B 235 44.31 -12.35 -35.96
CA ASP B 235 43.56 -13.56 -35.68
C ASP B 235 42.96 -13.48 -34.29
N TYR B 236 41.91 -14.27 -34.07
CA TYR B 236 41.25 -14.38 -32.78
C TYR B 236 41.66 -15.70 -32.13
N ARG B 237 42.23 -15.62 -30.93
CA ARG B 237 42.69 -16.81 -30.21
C ARG B 237 42.30 -16.71 -28.75
N ALA B 238 42.24 -17.86 -28.10
CA ALA B 238 42.05 -17.91 -26.66
C ALA B 238 43.37 -17.55 -25.98
N LEU B 239 43.34 -16.52 -25.14
CA LEU B 239 44.54 -16.04 -24.49
C LEU B 239 44.47 -16.33 -23.00
N ARG B 240 45.65 -16.57 -22.41
CA ARG B 240 45.80 -16.75 -20.99
C ARG B 240 46.72 -15.66 -20.44
N VAL B 241 46.72 -15.53 -19.12
CA VAL B 241 47.52 -14.49 -18.47
C VAL B 241 49.00 -14.71 -18.80
N ALA B 242 49.43 -15.96 -18.86
CA ALA B 242 50.81 -16.26 -19.27
C ALA B 242 51.09 -15.76 -20.68
N ASP B 243 50.11 -15.90 -21.59
CA ASP B 243 50.28 -15.39 -22.94
C ASP B 243 50.42 -13.87 -22.95
N LEU B 244 49.76 -13.19 -22.00
CA LEU B 244 49.90 -11.75 -21.89
C LEU B 244 51.34 -11.36 -21.57
N PHE B 245 51.96 -12.06 -20.61
CA PHE B 245 53.30 -11.70 -20.18
C PHE B 245 54.36 -12.10 -21.21
N ASP B 246 54.11 -13.18 -21.96
CA ASP B 246 55.05 -13.59 -23.00
C ASP B 246 54.88 -12.82 -24.30
N SER B 247 54.02 -11.81 -24.32
CA SER B 247 53.75 -11.04 -25.52
C SER B 247 54.77 -9.93 -25.68
N GLN B 248 54.76 -9.31 -26.87
CA GLN B 248 55.59 -8.16 -27.13
C GLN B 248 54.87 -6.84 -26.84
N GLY B 249 53.55 -6.87 -26.72
CA GLY B 249 52.81 -5.68 -26.35
C GLY B 249 51.36 -5.95 -26.01
N ILE B 250 50.82 -5.15 -25.07
CA ILE B 250 49.42 -5.23 -24.67
C ILE B 250 48.81 -3.84 -24.79
N TRP B 251 47.60 -3.77 -25.33
CA TRP B 251 46.92 -2.50 -25.48
C TRP B 251 45.47 -2.66 -25.06
N LEU B 252 44.91 -1.58 -24.52
CA LEU B 252 43.49 -1.47 -24.26
C LEU B 252 42.91 -0.51 -25.30
N VAL B 253 42.14 -1.05 -26.22
CA VAL B 253 41.65 -0.31 -27.38
C VAL B 253 40.19 0.06 -27.15
N SER B 254 39.84 1.30 -27.49
CA SER B 254 38.47 1.78 -27.34
C SER B 254 38.29 3.00 -28.22
N SER B 255 37.02 3.41 -28.40
CA SER B 255 36.73 4.52 -29.28
C SER B 255 37.25 5.83 -28.72
N MET B 256 37.24 5.98 -27.41
CA MET B 256 37.68 7.20 -26.75
C MET B 256 39.19 7.17 -26.51
N THR B 257 39.66 6.21 -25.73
CA THR B 257 41.08 5.95 -25.54
C THR B 257 41.53 5.07 -26.69
N LEU B 258 42.12 5.68 -27.73
CA LEU B 258 42.40 4.94 -28.96
C LEU B 258 43.28 3.73 -28.69
N ALA B 259 44.46 3.94 -28.11
CA ALA B 259 45.35 2.82 -27.82
C ALA B 259 46.16 3.17 -26.58
N ALA B 260 45.84 2.50 -25.47
CA ALA B 260 46.55 2.66 -24.20
C ALA B 260 47.38 1.40 -23.98
N ARG B 261 48.71 1.55 -24.03
CA ARG B 261 49.62 0.44 -23.82
C ARG B 261 49.71 0.08 -22.34
N VAL B 262 49.60 -1.21 -22.05
CA VAL B 262 49.77 -1.71 -20.68
C VAL B 262 51.27 -1.87 -20.42
N HIS B 263 51.83 -0.96 -19.63
CA HIS B 263 53.25 -1.00 -19.29
C HIS B 263 53.53 -1.76 -17.99
N THR B 264 52.51 -1.99 -17.17
CA THR B 264 52.66 -2.70 -15.92
C THR B 264 51.42 -3.55 -15.72
N LEU B 265 51.62 -4.86 -15.51
CA LEU B 265 50.52 -5.80 -15.34
C LEU B 265 50.69 -6.51 -14.00
N ASP B 266 49.75 -6.27 -13.09
CA ASP B 266 49.73 -6.92 -11.77
C ASP B 266 51.01 -6.65 -10.98
N GLY B 267 51.58 -5.46 -11.15
CA GLY B 267 52.78 -5.06 -10.47
C GLY B 267 54.08 -5.35 -11.22
N ARG B 268 54.04 -6.23 -12.21
CA ARG B 268 55.22 -6.55 -13.00
C ARG B 268 55.32 -5.63 -14.22
N ARG B 269 56.42 -4.89 -14.29
CA ARG B 269 56.67 -4.01 -15.41
C ARG B 269 56.91 -4.85 -16.66
N LEU B 270 56.22 -4.48 -17.74
CA LEU B 270 56.33 -5.19 -19.01
C LEU B 270 57.26 -4.43 -19.94
N PRO B 271 58.20 -5.09 -20.60
CA PRO B 271 59.16 -4.35 -21.41
C PRO B 271 58.53 -3.84 -22.69
N ARG B 272 59.05 -2.71 -23.17
CA ARG B 272 58.62 -2.08 -24.40
C ARG B 272 59.33 -2.65 -25.62
N THR B 273 58.63 -2.59 -26.74
CA THR B 273 59.03 -3.17 -28.01
C THR B 273 58.89 -2.10 -29.09
N PRO B 274 59.73 -2.14 -30.12
CA PRO B 274 59.59 -1.19 -31.25
C PRO B 274 58.19 -1.17 -31.85
N ILE B 275 57.43 -2.26 -31.72
CA ILE B 275 56.08 -2.35 -32.25
C ILE B 275 55.14 -1.33 -31.62
N ALA B 276 55.51 -0.74 -30.49
CA ALA B 276 54.59 0.17 -29.80
C ALA B 276 54.34 1.46 -30.59
N GLU B 277 55.35 1.97 -31.31
CA GLU B 277 55.13 3.21 -32.07
C GLU B 277 54.27 2.96 -33.30
N VAL B 278 54.46 1.82 -33.98
CA VAL B 278 53.63 1.54 -35.14
C VAL B 278 52.20 1.23 -34.73
N PHE B 279 52.00 0.61 -33.57
CA PHE B 279 50.64 0.29 -33.14
C PHE B 279 49.82 1.55 -32.97
N ALA B 280 50.42 2.62 -32.45
CA ALA B 280 49.71 3.87 -32.30
C ALA B 280 49.27 4.42 -33.66
N GLU B 281 50.12 4.24 -34.68
CA GLU B 281 49.75 4.69 -36.03
C GLU B 281 48.59 3.88 -36.58
N LEU B 282 48.58 2.56 -36.31
CA LEU B 282 47.54 1.70 -36.87
C LEU B 282 46.16 2.07 -36.36
N VAL B 283 46.02 2.28 -35.04
CA VAL B 283 44.72 2.70 -34.51
C VAL B 283 44.36 4.10 -35.01
N ASP B 284 45.35 5.00 -35.09
CA ASP B 284 45.07 6.32 -35.67
C ASP B 284 44.56 6.18 -37.10
N ALA B 285 45.20 5.33 -37.90
CA ALA B 285 44.73 5.09 -39.26
C ALA B 285 43.44 4.28 -39.28
N ALA B 286 43.18 3.49 -38.23
CA ALA B 286 42.00 2.65 -38.20
C ALA B 286 40.72 3.48 -38.05
N ILE B 287 40.73 4.44 -37.14
CA ILE B 287 39.53 5.21 -36.79
C ILE B 287 39.20 6.22 -37.88
N VAL B 288 40.05 6.34 -38.89
CA VAL B 288 39.75 7.17 -40.04
C VAL B 288 39.71 6.35 -41.33
N SER B 289 39.53 5.02 -41.20
CA SER B 289 39.38 4.16 -42.37
C SER B 289 38.09 4.45 -43.11
N ASP B 290 37.05 4.88 -42.37
CA ASP B 290 35.77 5.22 -42.96
C ASP B 290 35.84 6.46 -43.85
N ARG B 291 36.90 7.26 -43.72
CA ARG B 291 37.08 8.46 -44.54
C ARG B 291 37.88 8.16 -45.81
N ALA C 2 -39.62 -1.46 -4.94
CA ALA C 2 -38.30 -1.89 -4.51
C ALA C 2 -38.11 -3.41 -4.71
N MET C 3 -36.90 -3.80 -5.08
CA MET C 3 -36.53 -5.20 -5.24
C MET C 3 -35.31 -5.54 -4.40
N VAL C 4 -35.29 -6.76 -3.90
CA VAL C 4 -34.19 -7.30 -3.10
C VAL C 4 -33.62 -8.49 -3.83
N VAL C 5 -32.29 -8.57 -3.89
CA VAL C 5 -31.58 -9.69 -4.52
C VAL C 5 -30.53 -10.17 -3.55
N THR C 6 -30.68 -11.40 -3.06
CA THR C 6 -29.66 -11.98 -2.21
C THR C 6 -28.49 -12.49 -3.04
N LEU C 7 -27.33 -12.65 -2.38
CA LEU C 7 -26.18 -13.17 -3.09
C LEU C 7 -26.34 -14.65 -3.41
N ASP C 8 -27.26 -15.33 -2.73
CA ASP C 8 -27.66 -16.69 -3.11
C ASP C 8 -28.36 -16.73 -4.46
N GLY C 9 -28.65 -15.59 -5.06
CA GLY C 9 -29.36 -15.56 -6.32
C GLY C 9 -30.86 -15.45 -6.21
N GLU C 10 -31.38 -15.14 -5.02
CA GLU C 10 -32.80 -15.08 -4.81
C GLU C 10 -33.35 -13.69 -5.11
N ILE C 11 -34.39 -13.64 -5.94
CA ILE C 11 -35.13 -12.42 -6.20
C ILE C 11 -36.33 -12.43 -5.27
N LEU C 12 -36.29 -11.62 -4.22
CA LEU C 12 -37.33 -11.65 -3.21
C LEU C 12 -38.32 -10.51 -3.45
N GLN C 13 -39.59 -10.77 -3.12
CA GLN C 13 -40.57 -9.70 -3.08
C GLN C 13 -40.22 -8.71 -1.98
N PRO C 14 -40.48 -7.42 -2.19
CA PRO C 14 -40.09 -6.43 -1.17
C PRO C 14 -40.79 -6.62 0.17
N GLY C 15 -42.02 -7.14 0.16
CA GLY C 15 -42.81 -7.29 1.36
C GLY C 15 -42.60 -8.58 2.12
N MET C 16 -41.78 -9.49 1.60
CA MET C 16 -41.47 -10.74 2.28
C MET C 16 -40.39 -10.46 3.32
N PRO C 17 -40.55 -10.88 4.58
CA PRO C 17 -39.47 -10.68 5.55
C PRO C 17 -38.27 -11.55 5.19
N LEU C 18 -37.07 -10.97 5.31
CA LEU C 18 -35.85 -11.62 4.90
C LEU C 18 -34.91 -11.96 6.05
N LEU C 19 -34.74 -11.03 6.99
CA LEU C 19 -33.72 -11.16 8.02
C LEU C 19 -34.30 -11.83 9.26
N HIS C 20 -33.45 -12.56 9.97
CA HIS C 20 -33.85 -13.18 11.22
C HIS C 20 -33.76 -12.18 12.37
N ALA C 21 -34.48 -12.48 13.44
CA ALA C 21 -34.51 -11.58 14.59
C ALA C 21 -33.16 -11.45 15.27
N ASP C 22 -32.25 -12.41 15.06
CA ASP C 22 -30.94 -12.38 15.67
C ASP C 22 -29.83 -12.03 14.68
N ASP C 23 -30.17 -11.40 13.56
CA ASP C 23 -29.15 -10.95 12.62
C ASP C 23 -28.42 -9.75 13.18
N LEU C 24 -27.07 -9.81 13.18
CA LEU C 24 -26.28 -8.77 13.81
C LEU C 24 -26.42 -7.41 13.15
N ALA C 25 -26.96 -7.35 11.93
CA ALA C 25 -27.20 -6.05 11.29
C ALA C 25 -28.28 -5.27 12.02
N ALA C 26 -29.28 -5.97 12.55
CA ALA C 26 -30.37 -5.34 13.29
C ALA C 26 -30.16 -5.39 14.80
N VAL C 27 -29.47 -6.40 15.30
CA VAL C 27 -29.26 -6.53 16.75
C VAL C 27 -28.16 -5.58 17.22
N ARG C 28 -27.12 -5.40 16.42
CA ARG C 28 -25.99 -4.60 16.85
C ARG C 28 -25.48 -3.65 15.77
N GLY C 29 -26.16 -3.55 14.63
CA GLY C 29 -25.67 -2.70 13.56
C GLY C 29 -24.33 -3.14 13.02
N ASP C 30 -23.99 -4.42 13.15
CA ASP C 30 -22.67 -4.94 12.84
C ASP C 30 -22.63 -5.33 11.36
N GLY C 31 -22.20 -4.40 10.52
CA GLY C 31 -22.10 -4.70 9.10
C GLY C 31 -21.66 -3.46 8.35
N VAL C 32 -21.48 -3.64 7.04
CA VAL C 32 -21.06 -2.55 6.16
C VAL C 32 -22.01 -2.49 4.98
N PHE C 33 -22.03 -1.33 4.32
CA PHE C 33 -22.91 -1.16 3.18
C PHE C 33 -22.31 -0.19 2.16
N GLU C 34 -22.89 -0.20 0.97
CA GLU C 34 -22.55 0.74 -0.09
C GLU C 34 -23.81 1.17 -0.81
N THR C 35 -23.82 2.41 -1.29
CA THR C 35 -24.96 2.97 -1.99
C THR C 35 -24.53 3.40 -3.38
N LEU C 36 -25.28 2.95 -4.39
CA LEU C 36 -24.98 3.22 -5.78
C LEU C 36 -26.18 3.85 -6.47
N LEU C 37 -25.90 4.68 -7.46
CA LEU C 37 -26.92 5.29 -8.29
C LEU C 37 -27.05 4.48 -9.57
N VAL C 38 -28.29 4.15 -9.94
CA VAL C 38 -28.59 3.51 -11.21
C VAL C 38 -28.99 4.63 -12.16
N ARG C 39 -28.18 4.87 -13.19
CA ARG C 39 -28.46 5.93 -14.15
C ARG C 39 -28.12 5.45 -15.56
N ASP C 40 -29.05 5.67 -16.48
CA ASP C 40 -28.86 5.36 -17.90
C ASP C 40 -28.48 3.91 -18.11
N GLY C 41 -29.28 3.01 -17.54
CA GLY C 41 -29.15 1.61 -17.82
C GLY C 41 -28.04 0.89 -17.09
N ARG C 42 -27.25 1.58 -16.27
CA ARG C 42 -26.15 0.98 -15.56
C ARG C 42 -26.04 1.55 -14.15
N ALA C 43 -25.43 0.77 -13.26
CA ALA C 43 -25.05 1.31 -11.96
C ALA C 43 -23.74 2.08 -12.09
N CYS C 44 -23.61 3.14 -11.30
CA CYS C 44 -22.51 4.08 -11.45
C CYS C 44 -21.34 3.74 -10.55
N LEU C 45 -20.13 3.72 -11.11
CA LEU C 45 -18.89 3.47 -10.39
C LEU C 45 -18.97 2.20 -9.55
N VAL C 46 -19.29 1.10 -10.23
CA VAL C 46 -19.42 -0.17 -9.51
C VAL C 46 -18.09 -0.60 -8.92
N GLU C 47 -17.03 -0.54 -9.72
CA GLU C 47 -15.74 -1.05 -9.24
C GLU C 47 -15.20 -0.18 -8.11
N ALA C 48 -15.31 1.15 -8.23
CA ALA C 48 -14.86 2.01 -7.15
C ALA C 48 -15.65 1.74 -5.88
N HIS C 49 -16.95 1.44 -6.01
CA HIS C 49 -17.77 1.14 -4.84
C HIS C 49 -17.45 -0.24 -4.28
N LEU C 50 -17.15 -1.21 -5.15
CA LEU C 50 -16.79 -2.54 -4.63
C LEU C 50 -15.44 -2.51 -3.92
N GLN C 51 -14.54 -1.60 -4.32
CA GLN C 51 -13.27 -1.49 -3.61
C GLN C 51 -13.48 -0.96 -2.20
N ARG C 52 -14.39 0.01 -2.04
CA ARG C 52 -14.67 0.49 -0.69
C ARG C 52 -15.39 -0.57 0.14
N LEU C 53 -16.25 -1.38 -0.48
CA LEU C 53 -16.86 -2.48 0.25
C LEU C 53 -15.79 -3.44 0.80
N THR C 54 -14.78 -3.75 -0.02
CA THR C 54 -13.69 -4.60 0.46
C THR C 54 -12.94 -3.91 1.59
N GLN C 55 -12.70 -2.61 1.46
CA GLN C 55 -11.97 -1.86 2.46
C GLN C 55 -12.77 -1.74 3.76
N SER C 56 -14.09 -1.55 3.65
CA SER C 56 -14.93 -1.49 4.85
C SER C 56 -14.95 -2.81 5.58
N ALA C 57 -15.04 -3.92 4.84
CA ALA C 57 -15.11 -5.23 5.47
C ALA C 57 -13.82 -5.57 6.20
N ARG C 58 -12.67 -5.19 5.64
CA ARG C 58 -11.40 -5.49 6.30
C ARG C 58 -11.25 -4.69 7.59
N LEU C 59 -11.71 -3.44 7.62
CA LEU C 59 -11.74 -2.69 8.87
C LEU C 59 -12.72 -3.29 9.89
N MET C 60 -13.70 -4.07 9.42
CA MET C 60 -14.72 -4.64 10.28
C MET C 60 -14.50 -6.12 10.56
N ASP C 61 -13.36 -6.67 10.14
CA ASP C 61 -13.04 -8.08 10.33
C ASP C 61 -14.10 -9.00 9.75
N LEU C 62 -14.75 -8.55 8.67
CA LEU C 62 -15.70 -9.35 7.91
C LEU C 62 -14.98 -10.15 6.81
N PRO C 63 -15.50 -11.32 6.46
CA PRO C 63 -14.88 -12.11 5.37
C PRO C 63 -14.78 -11.30 4.09
N GLU C 64 -13.68 -11.51 3.36
CA GLU C 64 -13.43 -10.75 2.15
C GLU C 64 -14.56 -10.99 1.15
N PRO C 65 -15.24 -9.96 0.67
CA PRO C 65 -16.40 -10.18 -0.20
C PRO C 65 -15.97 -10.81 -1.53
N ASP C 66 -16.79 -11.75 -2.00
CA ASP C 66 -16.55 -12.43 -3.28
C ASP C 66 -17.13 -11.54 -4.38
N LEU C 67 -16.26 -10.74 -5.01
CA LEU C 67 -16.74 -9.71 -5.92
C LEU C 67 -17.52 -10.25 -7.12
N PRO C 68 -17.12 -11.35 -7.77
CA PRO C 68 -17.99 -11.92 -8.81
C PRO C 68 -19.41 -12.16 -8.32
N ARG C 69 -19.58 -12.60 -7.08
CA ARG C 69 -20.91 -12.81 -6.55
C ARG C 69 -21.62 -11.48 -6.28
N TRP C 70 -20.86 -10.47 -5.85
CA TRP C 70 -21.46 -9.15 -5.67
C TRP C 70 -21.81 -8.52 -7.01
N ARG C 71 -20.91 -8.65 -8.00
CA ARG C 71 -21.21 -8.13 -9.32
C ARG C 71 -22.48 -8.75 -9.88
N ARG C 72 -22.68 -10.06 -9.67
CA ARG C 72 -23.88 -10.70 -10.21
C ARG C 72 -25.14 -10.17 -9.54
N ALA C 73 -25.11 -9.98 -8.21
CA ALA C 73 -26.27 -9.45 -7.52
C ALA C 73 -26.54 -7.99 -7.90
N VAL C 74 -25.48 -7.23 -8.15
CA VAL C 74 -25.67 -5.85 -8.60
C VAL C 74 -26.23 -5.82 -10.02
N GLU C 75 -25.68 -6.66 -10.90
CA GLU C 75 -26.12 -6.65 -12.30
C GLU C 75 -27.54 -7.17 -12.45
N VAL C 76 -27.91 -8.18 -11.67
CA VAL C 76 -29.26 -8.72 -11.74
C VAL C 76 -30.25 -7.70 -11.17
N ALA C 77 -29.94 -7.13 -10.01
CA ALA C 77 -30.83 -6.14 -9.40
C ALA C 77 -30.96 -4.90 -10.28
N THR C 78 -29.87 -4.47 -10.91
CA THR C 78 -29.93 -3.31 -11.79
C THR C 78 -30.84 -3.58 -12.99
N GLN C 79 -30.61 -4.68 -13.71
CA GLN C 79 -31.40 -4.96 -14.91
C GLN C 79 -32.87 -5.21 -14.59
N ARG C 80 -33.19 -5.63 -13.38
CA ARG C 80 -34.60 -5.73 -13.01
C ARG C 80 -35.22 -4.35 -12.83
N TRP C 81 -34.47 -3.41 -12.27
CA TRP C 81 -34.95 -2.03 -12.16
C TRP C 81 -35.10 -1.39 -13.54
N VAL C 82 -34.04 -1.43 -14.35
CA VAL C 82 -34.06 -0.83 -15.68
C VAL C 82 -35.15 -1.44 -16.53
N ALA C 83 -35.54 -2.68 -16.26
CA ALA C 83 -36.64 -3.28 -17.02
C ALA C 83 -37.97 -2.63 -16.68
N SER C 84 -38.18 -2.28 -15.40
CA SER C 84 -39.47 -1.76 -14.98
C SER C 84 -39.63 -0.27 -15.25
N THR C 85 -38.54 0.49 -15.22
CA THR C 85 -38.65 1.94 -15.35
C THR C 85 -37.38 2.49 -15.98
N ALA C 86 -37.50 3.69 -16.54
CA ALA C 86 -36.33 4.42 -17.00
C ALA C 86 -35.82 5.41 -15.98
N ASP C 87 -36.47 5.52 -14.82
CA ASP C 87 -36.07 6.46 -13.79
C ASP C 87 -34.78 5.98 -13.10
N GLU C 88 -34.12 6.92 -12.44
CA GLU C 88 -32.94 6.59 -11.67
C GLU C 88 -33.29 5.71 -10.47
N GLY C 89 -32.32 4.92 -10.04
CA GLY C 89 -32.53 3.99 -8.94
C GLY C 89 -31.47 4.15 -7.86
N ALA C 90 -31.87 3.79 -6.65
CA ALA C 90 -31.00 3.80 -5.47
C ALA C 90 -30.66 2.35 -5.14
N LEU C 91 -29.42 1.95 -5.41
CA LEU C 91 -28.96 0.58 -5.23
C LEU C 91 -28.14 0.50 -3.95
N ARG C 92 -28.48 -0.46 -3.07
CA ARG C 92 -27.77 -0.64 -1.81
C ARG C 92 -27.29 -2.07 -1.65
N LEU C 93 -26.06 -2.21 -1.16
CA LEU C 93 -25.45 -3.50 -0.85
C LEU C 93 -25.32 -3.60 0.66
N ILE C 94 -25.98 -4.59 1.27
CA ILE C 94 -25.96 -4.78 2.70
C ILE C 94 -25.16 -6.04 3.02
N TYR C 95 -24.17 -5.92 3.90
CA TYR C 95 -23.21 -6.98 4.19
C TYR C 95 -23.02 -7.04 5.69
N SER C 96 -23.72 -7.96 6.34
CA SER C 96 -23.70 -8.10 7.79
C SER C 96 -22.83 -9.29 8.22
N ARG C 97 -22.50 -9.31 9.51
CA ARG C 97 -21.71 -10.41 10.07
C ARG C 97 -22.50 -11.71 10.11
N GLY C 98 -23.80 -11.66 9.92
CA GLY C 98 -24.64 -12.85 9.94
C GLY C 98 -25.36 -13.01 11.26
N ARG C 99 -25.97 -14.17 11.42
CA ARG C 99 -26.67 -14.47 12.66
C ARG C 99 -25.68 -14.76 13.78
N GLU C 100 -26.22 -14.79 15.00
CA GLU C 100 -25.44 -15.14 16.18
C GLU C 100 -25.23 -16.64 16.21
N GLY C 101 -23.98 -17.07 16.44
CA GLY C 101 -23.63 -18.47 16.40
C GLY C 101 -23.61 -19.09 15.03
N GLY C 102 -23.82 -18.31 13.98
CA GLY C 102 -23.72 -18.81 12.61
C GLY C 102 -22.72 -17.98 11.85
N SER C 103 -21.78 -18.62 11.17
CA SER C 103 -20.67 -17.90 10.58
C SER C 103 -20.99 -17.28 9.23
N ALA C 104 -22.08 -17.68 8.61
CA ALA C 104 -22.39 -17.20 7.27
C ALA C 104 -22.84 -15.75 7.33
N PRO C 105 -22.13 -14.83 6.68
CA PRO C 105 -22.55 -13.43 6.70
C PRO C 105 -23.80 -13.22 5.87
N THR C 106 -24.56 -12.21 6.25
CA THR C 106 -25.78 -11.83 5.54
C THR C 106 -25.42 -10.87 4.42
N ALA C 107 -25.86 -11.19 3.20
CA ALA C 107 -25.50 -10.39 2.04
C ALA C 107 -26.67 -10.33 1.07
N TYR C 108 -27.01 -9.12 0.64
CA TYR C 108 -28.06 -8.92 -0.35
C TYR C 108 -27.96 -7.52 -0.94
N VAL C 109 -28.56 -7.36 -2.12
CA VAL C 109 -28.65 -6.09 -2.81
C VAL C 109 -30.11 -5.65 -2.80
N MET C 110 -30.32 -4.34 -2.82
CA MET C 110 -31.66 -3.78 -2.73
C MET C 110 -31.72 -2.50 -3.55
N VAL C 111 -32.76 -2.38 -4.37
CA VAL C 111 -32.99 -1.21 -5.22
C VAL C 111 -34.27 -0.53 -4.77
N SER C 112 -34.25 0.79 -4.73
CA SER C 112 -35.40 1.60 -4.35
C SER C 112 -35.44 2.84 -5.24
N PRO C 113 -36.59 3.50 -5.34
CA PRO C 113 -36.63 4.76 -6.07
C PRO C 113 -35.82 5.82 -5.35
N VAL C 114 -35.32 6.77 -6.12
CA VAL C 114 -34.61 7.90 -5.52
C VAL C 114 -35.61 8.81 -4.83
N PRO C 115 -35.43 9.14 -3.55
CA PRO C 115 -36.38 10.01 -2.85
C PRO C 115 -36.43 11.39 -3.46
N ALA C 116 -37.57 12.06 -3.26
CA ALA C 116 -37.77 13.37 -3.87
C ALA C 116 -36.88 14.44 -3.26
N ARG C 117 -36.44 14.24 -2.01
CA ARG C 117 -35.50 15.20 -1.42
C ARG C 117 -34.19 15.21 -2.20
N VAL C 118 -33.76 14.05 -2.70
CA VAL C 118 -32.51 13.97 -3.44
C VAL C 118 -32.62 14.73 -4.74
N ILE C 119 -33.78 14.66 -5.39
CA ILE C 119 -33.98 15.35 -6.65
C ILE C 119 -33.98 16.86 -6.43
N GLY C 120 -34.58 17.31 -5.33
CA GLY C 120 -34.58 18.73 -5.02
C GLY C 120 -33.19 19.25 -4.68
N ALA C 121 -32.42 18.45 -3.93
CA ALA C 121 -31.07 18.86 -3.56
C ALA C 121 -30.17 19.01 -4.78
N ARG C 122 -30.29 18.11 -5.76
CA ARG C 122 -29.55 18.27 -7.01
C ARG C 122 -29.94 19.57 -7.71
N ARG C 123 -31.23 19.86 -7.77
CA ARG C 123 -31.68 21.02 -8.53
C ARG C 123 -31.34 22.32 -7.81
N ASP C 124 -31.72 22.44 -6.54
CA ASP C 124 -31.63 23.71 -5.83
C ASP C 124 -30.52 23.78 -4.81
N GLY C 125 -30.06 22.66 -4.28
CA GLY C 125 -29.12 22.69 -3.17
C GLY C 125 -29.84 22.71 -1.85
N VAL C 126 -29.06 22.78 -0.78
CA VAL C 126 -29.55 22.66 0.58
C VAL C 126 -29.00 23.78 1.44
N SER C 127 -29.67 24.02 2.56
CA SER C 127 -29.12 24.82 3.65
C SER C 127 -28.55 23.87 4.70
N ALA C 128 -27.37 24.18 5.21
CA ALA C 128 -26.68 23.31 6.15
C ALA C 128 -26.26 24.09 7.37
N ILE C 129 -26.11 23.38 8.49
CA ILE C 129 -25.58 23.95 9.71
C ILE C 129 -24.34 23.17 10.11
N THR C 130 -23.42 23.87 10.80
CA THR C 130 -22.24 23.22 11.36
C THR C 130 -22.56 22.60 12.71
N LEU C 131 -22.03 21.40 12.94
CA LEU C 131 -22.22 20.70 14.21
C LEU C 131 -20.91 20.07 14.67
N ASP C 132 -20.71 20.06 15.98
CA ASP C 132 -19.53 19.40 16.56
C ASP C 132 -19.70 17.88 16.45
N ARG C 133 -18.76 17.24 15.74
CA ARG C 133 -18.82 15.80 15.54
C ARG C 133 -18.56 15.01 16.83
N GLY C 134 -17.76 15.58 17.74
CA GLY C 134 -17.35 14.91 18.95
C GLY C 134 -16.00 14.25 18.87
N LEU C 135 -15.47 14.04 17.66
CA LEU C 135 -14.13 13.51 17.50
C LEU C 135 -13.15 14.61 17.14
N PRO C 136 -11.92 14.51 17.61
CA PRO C 136 -10.86 15.40 17.15
C PRO C 136 -10.35 14.97 15.78
N ALA C 137 -9.54 15.83 15.17
CA ALA C 137 -9.00 15.56 13.85
C ALA C 137 -7.99 14.41 13.87
N ASP C 138 -7.40 14.13 15.04
CA ASP C 138 -6.51 12.99 15.21
C ASP C 138 -7.26 11.68 15.33
N GLY C 139 -8.55 11.66 14.95
CA GLY C 139 -9.35 10.46 15.17
C GLY C 139 -8.96 9.30 14.28
N GLY C 140 -8.67 9.58 13.01
CA GLY C 140 -8.37 8.50 12.08
C GLY C 140 -7.07 7.77 12.39
N ASP C 141 -6.05 8.50 12.85
CA ASP C 141 -4.74 7.89 13.07
C ASP C 141 -4.56 7.44 14.52
N ALA C 142 -4.75 8.35 15.48
CA ALA C 142 -4.50 8.02 16.88
C ALA C 142 -5.49 7.03 17.45
N MET C 143 -6.66 6.87 16.82
CA MET C 143 -7.70 5.96 17.31
C MET C 143 -8.19 5.08 16.18
N PRO C 144 -7.40 4.08 15.77
CA PRO C 144 -7.87 3.19 14.70
C PRO C 144 -9.03 2.31 15.13
N TRP C 145 -9.15 2.03 16.42
CA TRP C 145 -10.22 1.16 16.90
C TRP C 145 -11.61 1.73 16.68
N LEU C 146 -11.72 3.03 16.37
CA LEU C 146 -13.03 3.66 16.16
C LEU C 146 -13.55 3.47 14.75
N ILE C 147 -12.76 2.84 13.86
CA ILE C 147 -13.14 2.47 12.49
C ILE C 147 -13.95 3.57 11.81
N ALA C 148 -13.55 4.83 12.01
CA ALA C 148 -14.30 5.95 11.46
C ALA C 148 -14.27 5.98 9.93
N SER C 149 -13.31 5.28 9.31
CA SER C 149 -13.13 5.28 7.87
C SER C 149 -13.98 4.22 7.17
N ALA C 150 -14.82 3.49 7.91
CA ALA C 150 -15.61 2.39 7.37
C ALA C 150 -17.06 2.82 7.23
N LYS C 151 -17.69 2.42 6.12
CA LYS C 151 -19.10 2.67 5.88
C LYS C 151 -19.88 1.55 6.56
N THR C 152 -20.20 1.73 7.84
CA THR C 152 -20.90 0.71 8.61
C THR C 152 -22.41 0.97 8.61
N LEU C 153 -23.15 -0.06 9.03
CA LEU C 153 -24.60 0.03 9.16
C LEU C 153 -25.04 0.79 10.40
N SER C 154 -24.11 1.33 11.19
CA SER C 154 -24.45 2.00 12.44
C SER C 154 -24.54 3.51 12.19
N TYR C 155 -25.71 3.92 11.67
CA TYR C 155 -25.97 5.30 11.31
C TYR C 155 -26.98 5.98 12.23
N ALA C 156 -27.20 5.43 13.43
CA ALA C 156 -28.17 6.05 14.33
C ALA C 156 -27.81 7.50 14.63
N VAL C 157 -26.51 7.78 14.84
CA VAL C 157 -26.08 9.14 15.13
C VAL C 157 -26.21 10.01 13.88
N ASN C 158 -25.86 9.46 12.71
CA ASN C 158 -26.06 10.20 11.46
C ASN C 158 -27.52 10.60 11.27
N MET C 159 -28.45 9.69 11.56
CA MET C 159 -29.86 10.03 11.41
C MET C 159 -30.33 11.01 12.48
N ALA C 160 -29.83 10.85 13.72
CA ALA C 160 -30.23 11.78 14.77
C ALA C 160 -29.72 13.19 14.48
N VAL C 161 -28.52 13.31 13.92
CA VAL C 161 -27.96 14.61 13.60
C VAL C 161 -28.81 15.33 12.55
N LEU C 162 -29.29 14.59 11.56
CA LEU C 162 -30.13 15.20 10.52
C LEU C 162 -31.49 15.61 11.07
N ARG C 163 -32.10 14.77 11.91
CA ARG C 163 -33.36 15.14 12.53
C ARG C 163 -33.23 16.44 13.32
N HIS C 164 -32.11 16.60 14.02
CA HIS C 164 -31.85 17.83 14.76
C HIS C 164 -31.80 19.03 13.83
N ALA C 165 -31.11 18.89 12.68
CA ALA C 165 -31.03 19.99 11.72
C ALA C 165 -32.38 20.28 11.08
N ALA C 166 -33.17 19.25 10.81
CA ALA C 166 -34.50 19.45 10.23
C ALA C 166 -35.37 20.27 11.17
N ARG C 167 -35.31 19.99 12.48
CA ARG C 167 -36.10 20.75 13.44
C ARG C 167 -35.67 22.20 13.52
N GLN C 168 -34.45 22.52 13.08
CA GLN C 168 -34.00 23.90 12.96
C GLN C 168 -34.25 24.47 11.58
N GLY C 169 -34.90 23.71 10.69
CA GLY C 169 -35.11 24.18 9.34
C GLY C 169 -33.92 24.03 8.43
N ALA C 170 -32.93 23.22 8.80
CA ALA C 170 -31.75 23.02 7.98
C ALA C 170 -31.84 21.67 7.27
N GLY C 171 -31.35 21.62 6.04
CA GLY C 171 -31.53 20.45 5.22
C GLY C 171 -30.44 19.40 5.33
N ASP C 172 -29.28 19.79 5.86
CA ASP C 172 -28.17 18.87 6.04
C ASP C 172 -27.20 19.46 7.06
N VAL C 173 -26.08 18.76 7.26
CA VAL C 173 -25.13 19.08 8.31
C VAL C 173 -23.72 18.97 7.76
N ILE C 174 -22.84 19.84 8.25
CA ILE C 174 -21.41 19.77 7.99
C ILE C 174 -20.72 19.57 9.33
N PHE C 175 -20.11 18.40 9.51
CA PHE C 175 -19.41 18.09 10.76
C PHE C 175 -18.11 18.87 10.88
N VAL C 176 -17.84 19.35 12.09
CA VAL C 176 -16.60 20.05 12.40
C VAL C 176 -16.01 19.38 13.63
N SER C 177 -14.69 19.16 13.62
CA SER C 177 -14.05 18.45 14.70
C SER C 177 -14.01 19.29 15.97
N THR C 178 -13.73 18.63 17.10
CA THR C 178 -13.62 19.34 18.36
C THR C 178 -12.54 20.42 18.30
N ASP C 179 -11.47 20.18 17.54
CA ASP C 179 -10.44 21.18 17.34
C ASP C 179 -10.77 22.16 16.23
N GLY C 180 -11.91 22.03 15.58
CA GLY C 180 -12.39 23.03 14.63
C GLY C 180 -12.08 22.78 13.17
N TYR C 181 -11.80 21.55 12.76
CA TYR C 181 -11.53 21.24 11.36
C TYR C 181 -12.76 20.64 10.71
N VAL C 182 -12.99 21.03 9.45
CA VAL C 182 -14.11 20.49 8.69
C VAL C 182 -13.88 19.01 8.43
N LEU C 183 -14.90 18.20 8.67
CA LEU C 183 -14.80 16.77 8.45
C LEU C 183 -15.56 16.35 7.20
N GLU C 184 -16.86 16.13 7.34
CA GLU C 184 -17.69 15.64 6.26
C GLU C 184 -19.14 15.86 6.68
N GLY C 185 -20.07 15.48 5.80
CA GLY C 185 -21.46 15.46 6.15
C GLY C 185 -21.85 14.10 6.70
N PRO C 186 -22.99 14.03 7.40
CA PRO C 186 -23.45 12.72 7.89
C PRO C 186 -23.77 11.73 6.79
N ARG C 187 -23.97 12.20 5.55
CA ARG C 187 -24.21 11.31 4.42
C ARG C 187 -23.51 11.83 3.15
N SER C 188 -22.46 12.65 3.30
CA SER C 188 -21.90 13.32 2.14
C SER C 188 -20.45 13.68 2.38
N THR C 189 -19.76 14.00 1.29
CA THR C 189 -18.39 14.47 1.30
C THR C 189 -18.37 15.96 0.98
N VAL C 190 -17.60 16.73 1.73
CA VAL C 190 -17.58 18.18 1.56
C VAL C 190 -16.50 18.53 0.54
N VAL C 191 -16.87 19.35 -0.45
CA VAL C 191 -15.95 19.84 -1.47
C VAL C 191 -16.09 21.35 -1.57
N ILE C 192 -14.97 22.04 -1.74
CA ILE C 192 -14.88 23.50 -1.71
C ILE C 192 -14.30 23.98 -3.04
N ALA C 193 -14.68 25.19 -3.44
CA ALA C 193 -14.08 25.84 -4.61
C ALA C 193 -13.38 27.12 -4.17
N THR C 194 -12.16 27.32 -4.67
CA THR C 194 -11.39 28.53 -4.36
C THR C 194 -10.53 28.85 -5.57
N ASP C 195 -9.93 30.04 -5.56
CA ASP C 195 -9.04 30.44 -6.65
C ASP C 195 -7.58 30.12 -6.32
N ASN C 202 -8.66 28.56 -13.67
CA ASN C 202 -8.18 29.31 -12.50
C ASN C 202 -8.59 28.79 -11.09
N PRO C 203 -9.78 28.22 -10.91
CA PRO C 203 -10.21 27.85 -9.55
C PRO C 203 -9.58 26.55 -9.09
N CYS C 204 -9.88 26.18 -7.85
CA CYS C 204 -9.27 25.08 -7.14
C CYS C 204 -10.33 24.36 -6.31
N LEU C 205 -10.29 23.03 -6.33
CA LEU C 205 -11.25 22.21 -5.59
C LEU C 205 -10.56 21.56 -4.40
N LEU C 206 -11.15 21.69 -3.20
CA LEU C 206 -10.53 21.21 -1.96
C LEU C 206 -11.51 20.36 -1.15
N THR C 207 -10.99 19.31 -0.53
CA THR C 207 -11.76 18.43 0.33
C THR C 207 -10.88 18.06 1.53
N PRO C 208 -11.49 17.74 2.68
CA PRO C 208 -10.68 17.38 3.85
C PRO C 208 -9.90 16.11 3.59
N PRO C 209 -8.73 15.97 4.20
CA PRO C 209 -7.89 14.80 3.94
C PRO C 209 -8.49 13.55 4.56
N PRO C 210 -8.20 12.37 4.00
CA PRO C 210 -8.88 11.15 4.44
C PRO C 210 -8.37 10.57 5.76
N TRP C 211 -7.24 11.03 6.28
CA TRP C 211 -6.78 10.54 7.58
C TRP C 211 -7.55 11.17 8.74
N TYR C 212 -8.39 12.17 8.48
CA TYR C 212 -9.37 12.61 9.44
C TYR C 212 -10.38 11.48 9.68
N PRO C 213 -11.12 11.53 10.79
CA PRO C 213 -12.14 10.48 11.01
C PRO C 213 -13.31 10.62 10.05
N ILE C 214 -13.05 10.43 8.75
CA ILE C 214 -14.06 10.59 7.73
C ILE C 214 -13.92 9.47 6.70
N LEU C 215 -14.99 9.27 5.95
CA LEU C 215 -15.02 8.32 4.84
C LEU C 215 -14.31 8.90 3.62
N ARG C 216 -13.81 8.00 2.78
CA ARG C 216 -13.32 8.37 1.46
C ARG C 216 -14.49 8.37 0.51
N GLY C 217 -14.78 9.51 -0.11
CA GLY C 217 -15.94 9.58 -0.97
C GLY C 217 -15.64 9.01 -2.34
N THR C 218 -16.41 8.00 -2.76
CA THR C 218 -16.18 7.43 -4.09
C THR C 218 -16.49 8.45 -5.18
N THR C 219 -17.56 9.23 -5.00
CA THR C 219 -17.90 10.25 -5.98
C THR C 219 -16.88 11.37 -6.00
N GLN C 220 -16.47 11.84 -4.81
CA GLN C 220 -15.48 12.91 -4.73
C GLN C 220 -14.19 12.52 -5.44
N GLN C 221 -13.74 11.29 -5.25
CA GLN C 221 -12.52 10.83 -5.91
C GLN C 221 -12.69 10.84 -7.43
N ALA C 222 -13.82 10.35 -7.92
CA ALA C 222 -14.08 10.38 -9.36
C ALA C 222 -14.20 11.80 -9.87
N LEU C 223 -14.72 12.70 -9.05
CA LEU C 223 -14.80 14.12 -9.42
C LEU C 223 -13.41 14.70 -9.61
N PHE C 224 -12.49 14.38 -8.70
CA PHE C 224 -11.13 14.89 -8.83
C PHE C 224 -10.47 14.43 -10.13
N GLU C 225 -10.79 13.23 -10.60
CA GLU C 225 -10.18 12.72 -11.83
C GLU C 225 -10.60 13.54 -13.04
N VAL C 226 -11.90 13.84 -13.16
CA VAL C 226 -12.37 14.63 -14.29
C VAL C 226 -11.91 16.08 -14.17
N ALA C 227 -11.97 16.64 -12.96
CA ALA C 227 -11.58 18.03 -12.78
C ALA C 227 -10.10 18.23 -13.08
N ARG C 228 -9.25 17.29 -12.65
CA ARG C 228 -7.83 17.38 -12.98
C ARG C 228 -7.61 17.26 -14.49
N ALA C 229 -8.37 16.39 -15.14
CA ALA C 229 -8.23 16.19 -16.58
C ALA C 229 -8.70 17.38 -17.40
N LYS C 230 -9.62 18.19 -16.86
CA LYS C 230 -10.15 19.35 -17.56
C LYS C 230 -9.44 20.64 -17.15
N GLY C 231 -8.38 20.55 -16.35
CA GLY C 231 -7.53 21.68 -16.05
C GLY C 231 -7.69 22.24 -14.65
N TYR C 232 -8.54 21.64 -13.81
CA TYR C 232 -8.77 22.14 -12.47
C TYR C 232 -7.82 21.50 -11.46
N ASP C 233 -7.23 22.32 -10.60
CA ASP C 233 -6.39 21.84 -9.51
C ASP C 233 -7.27 21.34 -8.38
N CYS C 234 -7.05 20.10 -7.97
CA CYS C 234 -7.74 19.52 -6.82
C CYS C 234 -6.71 19.08 -5.79
N ASP C 235 -7.06 19.23 -4.52
CA ASP C 235 -6.12 18.90 -3.46
C ASP C 235 -6.87 18.64 -2.16
N TYR C 236 -6.19 17.94 -1.25
CA TYR C 236 -6.72 17.66 0.07
C TYR C 236 -6.06 18.61 1.06
N ARG C 237 -6.87 19.37 1.79
CA ARG C 237 -6.35 20.39 2.69
C ARG C 237 -7.14 20.33 3.98
N ALA C 238 -6.53 20.81 5.06
CA ALA C 238 -7.27 21.02 6.29
C ALA C 238 -8.07 22.30 6.16
N LEU C 239 -9.38 22.21 6.30
CA LEU C 239 -10.26 23.36 6.16
C LEU C 239 -10.88 23.72 7.49
N ARG C 240 -11.12 25.03 7.68
CA ARG C 240 -11.82 25.54 8.84
C ARG C 240 -13.09 26.24 8.37
N VAL C 241 -13.96 26.55 9.33
CA VAL C 241 -15.25 27.15 9.00
C VAL C 241 -15.08 28.42 8.20
N ALA C 242 -14.04 29.21 8.50
CA ALA C 242 -13.77 30.39 7.70
C ALA C 242 -13.51 30.03 6.24
N ASP C 243 -12.82 28.91 6.01
CA ASP C 243 -12.58 28.47 4.64
C ASP C 243 -13.89 28.15 3.93
N LEU C 244 -14.89 27.66 4.67
CA LEU C 244 -16.20 27.43 4.07
C LEU C 244 -16.81 28.74 3.59
N PHE C 245 -16.80 29.76 4.45
CA PHE C 245 -17.46 31.01 4.12
C PHE C 245 -16.66 31.83 3.11
N ASP C 246 -15.34 31.73 3.10
CA ASP C 246 -14.51 32.46 2.15
C ASP C 246 -14.41 31.76 0.81
N SER C 247 -15.15 30.69 0.61
CA SER C 247 -15.02 29.91 -0.62
C SER C 247 -15.87 30.50 -1.74
N GLN C 248 -15.66 29.97 -2.94
CA GLN C 248 -16.46 30.30 -4.09
C GLN C 248 -17.65 29.36 -4.27
N GLY C 249 -17.62 28.19 -3.63
CA GLY C 249 -18.73 27.28 -3.64
C GLY C 249 -18.56 26.14 -2.65
N ILE C 250 -19.65 25.62 -2.10
CA ILE C 250 -19.63 24.48 -1.19
C ILE C 250 -20.62 23.45 -1.73
N TRP C 251 -20.20 22.18 -1.74
CA TRP C 251 -21.05 21.10 -2.23
C TRP C 251 -20.97 19.91 -1.29
N LEU C 252 -22.08 19.18 -1.20
CA LEU C 252 -22.14 17.90 -0.52
C LEU C 252 -22.26 16.82 -1.60
N VAL C 253 -21.20 16.03 -1.77
CA VAL C 253 -21.10 15.06 -2.85
C VAL C 253 -21.34 13.67 -2.29
N SER C 254 -22.14 12.88 -3.01
CA SER C 254 -22.47 11.51 -2.60
C SER C 254 -23.00 10.77 -3.83
N SER C 255 -23.12 9.44 -3.70
CA SER C 255 -23.50 8.61 -4.83
C SER C 255 -24.94 8.86 -5.28
N MET C 256 -25.83 9.14 -4.34
CA MET C 256 -27.23 9.40 -4.66
C MET C 256 -27.43 10.87 -5.00
N THR C 257 -27.15 11.75 -4.05
CA THR C 257 -27.17 13.19 -4.30
C THR C 257 -25.84 13.58 -4.93
N LEU C 258 -25.83 13.72 -6.25
CA LEU C 258 -24.56 13.85 -6.97
C LEU C 258 -23.78 15.05 -6.45
N ALA C 259 -24.37 16.23 -6.50
CA ALA C 259 -23.70 17.44 -6.00
C ALA C 259 -24.79 18.39 -5.50
N ALA C 260 -24.83 18.60 -4.19
CA ALA C 260 -25.80 19.52 -3.58
C ALA C 260 -25.05 20.78 -3.18
N ARG C 261 -25.36 21.89 -3.83
CA ARG C 261 -24.70 23.14 -3.49
C ARG C 261 -25.27 23.65 -2.17
N VAL C 262 -24.39 24.04 -1.25
CA VAL C 262 -24.87 24.64 -0.01
C VAL C 262 -25.16 26.10 -0.31
N HIS C 263 -26.45 26.45 -0.37
CA HIS C 263 -26.83 27.83 -0.65
C HIS C 263 -26.99 28.66 0.61
N THR C 264 -27.09 28.01 1.77
CA THR C 264 -27.20 28.72 3.03
C THR C 264 -26.47 27.92 4.09
N LEU C 265 -25.50 28.55 4.76
CA LEU C 265 -24.70 27.90 5.78
C LEU C 265 -24.82 28.69 7.09
N ASP C 266 -25.38 28.05 8.11
CA ASP C 266 -25.52 28.66 9.42
C ASP C 266 -26.33 29.96 9.34
N GLY C 267 -27.30 30.00 8.44
CA GLY C 267 -28.15 31.15 8.25
C GLY C 267 -27.67 32.15 7.20
N ARG C 268 -26.41 32.10 6.80
CA ARG C 268 -25.85 33.05 5.85
C ARG C 268 -26.12 32.56 4.43
N ARG C 269 -26.88 33.33 3.66
CA ARG C 269 -27.15 32.97 2.27
C ARG C 269 -25.90 33.11 1.42
N LEU C 270 -25.56 32.04 0.69
CA LEU C 270 -24.42 32.07 -0.20
C LEU C 270 -24.90 32.21 -1.63
N PRO C 271 -24.45 33.21 -2.37
CA PRO C 271 -24.92 33.41 -3.75
C PRO C 271 -24.26 32.43 -4.71
N ARG C 272 -24.88 32.26 -5.87
CA ARG C 272 -24.32 31.38 -6.88
C ARG C 272 -23.22 32.09 -7.65
N THR C 273 -22.26 31.29 -8.11
CA THR C 273 -21.04 31.72 -8.78
C THR C 273 -20.89 30.91 -10.06
N PRO C 274 -20.25 31.46 -11.10
CA PRO C 274 -20.05 30.69 -12.34
C PRO C 274 -19.48 29.29 -12.14
N ILE C 275 -18.74 29.05 -11.06
CA ILE C 275 -18.23 27.71 -10.82
C ILE C 275 -19.36 26.71 -10.60
N ALA C 276 -20.57 27.19 -10.26
CA ALA C 276 -21.66 26.29 -9.93
C ALA C 276 -22.14 25.49 -11.13
N GLU C 277 -22.12 26.10 -12.31
CA GLU C 277 -22.62 25.39 -13.50
C GLU C 277 -21.64 24.29 -13.92
N VAL C 278 -20.34 24.57 -13.85
CA VAL C 278 -19.36 23.56 -14.23
C VAL C 278 -19.28 22.45 -13.20
N PHE C 279 -19.49 22.75 -11.91
CA PHE C 279 -19.35 21.73 -10.89
C PHE C 279 -20.34 20.58 -11.06
N ALA C 280 -21.61 20.91 -11.35
CA ALA C 280 -22.61 19.87 -11.60
C ALA C 280 -22.29 19.09 -12.85
N GLU C 281 -21.77 19.76 -13.88
CA GLU C 281 -21.38 19.08 -15.11
C GLU C 281 -20.23 18.13 -14.85
N LEU C 282 -19.28 18.54 -14.00
CA LEU C 282 -18.14 17.69 -13.70
C LEU C 282 -18.57 16.40 -12.99
N VAL C 283 -19.46 16.51 -12.00
CA VAL C 283 -19.93 15.33 -11.28
C VAL C 283 -20.69 14.40 -12.22
N ASP C 284 -21.49 14.97 -13.13
CA ASP C 284 -22.16 14.15 -14.13
C ASP C 284 -21.15 13.36 -14.96
N ALA C 285 -20.07 14.01 -15.39
CA ALA C 285 -19.04 13.29 -16.13
C ALA C 285 -18.27 12.32 -15.26
N ALA C 286 -18.20 12.60 -13.95
CA ALA C 286 -17.43 11.73 -13.06
C ALA C 286 -18.10 10.38 -12.87
N ILE C 287 -19.42 10.37 -12.66
CA ILE C 287 -20.10 9.13 -12.31
C ILE C 287 -20.24 8.16 -13.46
N VAL C 288 -19.84 8.55 -14.67
CA VAL C 288 -19.79 7.66 -15.83
C VAL C 288 -18.38 7.58 -16.42
N SER C 289 -17.35 7.91 -15.62
CA SER C 289 -15.97 7.82 -16.10
C SER C 289 -15.57 6.38 -16.41
N ASP C 290 -16.16 5.42 -15.71
CA ASP C 290 -15.86 4.01 -15.96
C ASP C 290 -16.39 3.54 -17.31
N ARG C 291 -17.31 4.27 -17.91
CA ARG C 291 -17.85 3.92 -19.21
C ARG C 291 -17.03 4.57 -20.33
N ASN D 1 -30.45 -20.97 19.40
CA ASN D 1 -31.58 -21.45 20.18
C ASN D 1 -32.23 -20.28 20.92
N ALA D 2 -33.01 -19.48 20.18
CA ALA D 2 -33.59 -18.24 20.67
C ALA D 2 -35.08 -18.24 20.44
N MET D 3 -35.81 -17.55 21.31
CA MET D 3 -37.26 -17.40 21.19
C MET D 3 -37.57 -15.93 21.00
N VAL D 4 -38.53 -15.65 20.13
CA VAL D 4 -38.94 -14.29 19.81
C VAL D 4 -40.42 -14.12 20.10
N VAL D 5 -40.77 -13.01 20.73
CA VAL D 5 -42.17 -12.66 20.99
C VAL D 5 -42.36 -11.22 20.57
N THR D 6 -43.22 -11.00 19.57
CA THR D 6 -43.54 -9.64 19.16
C THR D 6 -44.56 -9.04 20.13
N LEU D 7 -44.65 -7.71 20.11
CA LEU D 7 -45.59 -7.02 20.99
C LEU D 7 -47.04 -7.28 20.59
N ASP D 8 -47.29 -7.77 19.37
CA ASP D 8 -48.64 -8.20 19.00
C ASP D 8 -49.10 -9.42 19.79
N GLY D 9 -48.21 -10.05 20.56
CA GLY D 9 -48.52 -11.27 21.28
C GLY D 9 -48.20 -12.52 20.51
N GLU D 10 -47.51 -12.41 19.38
CA GLU D 10 -47.19 -13.54 18.53
C GLU D 10 -45.86 -14.18 18.93
N ILE D 11 -45.87 -15.49 19.15
CA ILE D 11 -44.66 -16.27 19.36
C ILE D 11 -44.25 -16.84 18.01
N LEU D 12 -43.04 -16.52 17.57
CA LEU D 12 -42.65 -16.82 16.21
C LEU D 12 -42.15 -18.25 16.09
N GLN D 13 -42.36 -18.85 14.90
CA GLN D 13 -41.82 -20.16 14.60
C GLN D 13 -40.30 -20.08 14.65
N PRO D 14 -39.63 -21.15 15.09
CA PRO D 14 -38.18 -21.03 15.37
C PRO D 14 -37.34 -20.65 14.16
N GLY D 15 -37.68 -21.15 12.97
CA GLY D 15 -36.91 -20.88 11.78
C GLY D 15 -37.36 -19.72 10.92
N MET D 16 -38.48 -19.08 11.26
CA MET D 16 -39.05 -18.07 10.36
C MET D 16 -38.36 -16.72 10.53
N PRO D 17 -37.93 -16.09 9.42
CA PRO D 17 -37.40 -14.73 9.51
C PRO D 17 -38.49 -13.72 9.85
N LEU D 18 -38.09 -12.70 10.60
CA LEU D 18 -39.02 -11.70 11.13
C LEU D 18 -38.91 -10.34 10.47
N LEU D 19 -37.71 -9.83 10.24
CA LEU D 19 -37.52 -8.46 9.80
C LEU D 19 -37.48 -8.37 8.29
N HIS D 20 -37.92 -7.21 7.78
CA HIS D 20 -37.87 -6.96 6.34
C HIS D 20 -36.48 -6.46 5.93
N ALA D 21 -36.18 -6.62 4.64
CA ALA D 21 -34.88 -6.24 4.13
C ALA D 21 -34.63 -4.73 4.22
N ASP D 22 -35.69 -3.93 4.34
CA ASP D 22 -35.57 -2.47 4.43
C ASP D 22 -35.87 -1.95 5.84
N ASP D 23 -35.75 -2.80 6.85
CA ASP D 23 -35.97 -2.35 8.22
C ASP D 23 -34.82 -1.46 8.67
N LEU D 24 -35.16 -0.29 9.23
CA LEU D 24 -34.14 0.68 9.59
C LEU D 24 -33.19 0.18 10.68
N ALA D 25 -33.56 -0.88 11.40
CA ALA D 25 -32.63 -1.47 12.36
C ALA D 25 -31.47 -2.15 11.66
N ALA D 26 -31.73 -2.75 10.49
CA ALA D 26 -30.69 -3.44 9.74
C ALA D 26 -30.08 -2.58 8.65
N VAL D 27 -30.86 -1.68 8.06
CA VAL D 27 -30.32 -0.86 6.97
C VAL D 27 -29.47 0.28 7.52
N ARG D 28 -29.87 0.86 8.66
CA ARG D 28 -29.16 2.02 9.16
C ARG D 28 -28.88 1.96 10.67
N GLY D 29 -29.19 0.86 11.34
CA GLY D 29 -28.99 0.78 12.78
C GLY D 29 -29.80 1.76 13.58
N ASP D 30 -30.95 2.19 13.05
CA ASP D 30 -31.78 3.23 13.64
C ASP D 30 -32.76 2.61 14.62
N GLY D 31 -32.39 2.56 15.89
CA GLY D 31 -33.28 1.99 16.88
C GLY D 31 -32.62 1.97 18.25
N VAL D 32 -33.38 1.49 19.23
CA VAL D 32 -32.92 1.36 20.61
C VAL D 32 -33.18 -0.06 21.09
N PHE D 33 -32.44 -0.46 22.12
CA PHE D 33 -32.60 -1.80 22.66
C PHE D 33 -32.27 -1.79 24.15
N GLU D 34 -32.63 -2.89 24.81
CA GLU D 34 -32.31 -3.13 26.21
C GLU D 34 -31.97 -4.60 26.38
N THR D 35 -31.10 -4.88 27.35
CA THR D 35 -30.66 -6.24 27.65
C THR D 35 -31.05 -6.58 29.09
N LEU D 36 -31.73 -7.71 29.26
CA LEU D 36 -32.18 -8.16 30.58
C LEU D 36 -31.72 -9.59 30.82
N LEU D 37 -31.43 -9.90 32.08
CA LEU D 37 -31.08 -11.25 32.50
C LEU D 37 -32.29 -11.95 33.07
N VAL D 38 -32.53 -13.19 32.64
CA VAL D 38 -33.56 -14.05 33.20
C VAL D 38 -32.88 -14.98 34.21
N ARG D 39 -33.22 -14.83 35.48
CA ARG D 39 -32.64 -15.67 36.53
C ARG D 39 -33.70 -16.02 37.55
N ASP D 40 -33.78 -17.30 37.90
CA ASP D 40 -34.70 -17.81 38.92
C ASP D 40 -36.16 -17.44 38.61
N GLY D 41 -36.58 -17.77 37.39
CA GLY D 41 -37.96 -17.69 36.98
C GLY D 41 -38.50 -16.33 36.59
N ARG D 42 -37.71 -15.27 36.71
CA ARG D 42 -38.13 -13.93 36.35
C ARG D 42 -36.96 -13.16 35.74
N ALA D 43 -37.28 -12.16 34.93
CA ALA D 43 -36.27 -11.22 34.47
C ALA D 43 -36.01 -10.17 35.54
N CYS D 44 -34.77 -9.71 35.60
CA CYS D 44 -34.30 -8.86 36.69
C CYS D 44 -34.42 -7.39 36.32
N LEU D 45 -34.98 -6.60 37.25
CA LEU D 45 -35.11 -5.15 37.12
C LEU D 45 -35.79 -4.75 35.81
N VAL D 46 -36.99 -5.32 35.60
CA VAL D 46 -37.74 -5.03 34.39
C VAL D 46 -38.14 -3.56 34.34
N GLU D 47 -38.62 -3.02 35.47
CA GLU D 47 -39.13 -1.65 35.49
C GLU D 47 -38.03 -0.63 35.24
N ALA D 48 -36.86 -0.84 35.85
CA ALA D 48 -35.74 0.07 35.62
C ALA D 48 -35.29 0.05 34.17
N HIS D 49 -35.37 -1.10 33.50
CA HIS D 49 -34.98 -1.18 32.11
C HIS D 49 -36.01 -0.53 31.20
N LEU D 50 -37.29 -0.67 31.52
CA LEU D 50 -38.34 -0.06 30.70
C LEU D 50 -38.31 1.45 30.78
N GLN D 51 -37.89 2.02 31.91
CA GLN D 51 -37.77 3.47 31.99
C GLN D 51 -36.63 4.00 31.12
N ARG D 52 -35.49 3.29 31.09
CA ARG D 52 -34.41 3.72 30.21
C ARG D 52 -34.77 3.54 28.75
N LEU D 53 -35.54 2.50 28.42
CA LEU D 53 -36.03 2.35 27.05
C LEU D 53 -36.89 3.55 26.66
N THR D 54 -37.73 4.03 27.59
CA THR D 54 -38.52 5.23 27.32
C THR D 54 -37.62 6.44 27.08
N GLN D 55 -36.60 6.62 27.92
CA GLN D 55 -35.70 7.77 27.76
C GLN D 55 -34.87 7.66 26.49
N SER D 56 -34.44 6.44 26.15
CA SER D 56 -33.73 6.24 24.89
C SER D 56 -34.62 6.55 23.69
N ALA D 57 -35.90 6.15 23.78
CA ALA D 57 -36.80 6.35 22.65
C ALA D 57 -37.05 7.83 22.39
N ARG D 58 -37.21 8.63 23.44
CA ARG D 58 -37.43 10.06 23.23
C ARG D 58 -36.20 10.74 22.66
N LEU D 59 -35.01 10.36 23.14
CA LEU D 59 -33.79 10.90 22.57
C LEU D 59 -33.62 10.51 21.11
N MET D 60 -34.26 9.45 20.67
CA MET D 60 -34.15 8.96 19.30
C MET D 60 -35.35 9.34 18.45
N ASP D 61 -36.24 10.20 18.96
CA ASP D 61 -37.45 10.62 18.25
C ASP D 61 -38.30 9.44 17.81
N LEU D 62 -38.24 8.35 18.58
CA LEU D 62 -39.07 7.17 18.39
C LEU D 62 -40.40 7.33 19.13
N PRO D 63 -41.47 6.74 18.61
CA PRO D 63 -42.76 6.81 19.31
C PRO D 63 -42.64 6.30 20.74
N GLU D 64 -43.36 6.93 21.65
CA GLU D 64 -43.23 6.60 23.06
C GLU D 64 -43.59 5.13 23.27
N PRO D 65 -42.73 4.35 23.90
CA PRO D 65 -42.98 2.90 24.00
C PRO D 65 -44.22 2.61 24.84
N ASP D 66 -45.01 1.65 24.38
CA ASP D 66 -46.23 1.23 25.06
C ASP D 66 -45.82 0.25 26.15
N LEU D 67 -45.61 0.79 27.36
CA LEU D 67 -45.06 -0.03 28.44
C LEU D 67 -45.96 -1.18 28.85
N PRO D 68 -47.29 -1.02 28.99
CA PRO D 68 -48.12 -2.20 29.28
C PRO D 68 -47.92 -3.34 28.29
N ARG D 69 -47.76 -3.06 27.00
CA ARG D 69 -47.59 -4.13 26.02
C ARG D 69 -46.21 -4.78 26.12
N TRP D 70 -45.19 -4.00 26.50
CA TRP D 70 -43.85 -4.57 26.66
C TRP D 70 -43.79 -5.52 27.86
N ARG D 71 -44.42 -5.15 28.98
CA ARG D 71 -44.42 -6.02 30.14
C ARG D 71 -45.04 -7.38 29.81
N ARG D 72 -46.12 -7.39 29.04
CA ARG D 72 -46.74 -8.66 28.68
C ARG D 72 -45.82 -9.49 27.79
N ALA D 73 -45.13 -8.84 26.85
CA ALA D 73 -44.19 -9.58 26.00
C ALA D 73 -43.01 -10.10 26.80
N VAL D 74 -42.56 -9.36 27.81
CA VAL D 74 -41.45 -9.83 28.65
C VAL D 74 -41.90 -11.01 29.49
N GLU D 75 -43.08 -10.93 30.08
CA GLU D 75 -43.55 -12.02 30.94
C GLU D 75 -43.80 -13.29 30.14
N VAL D 76 -44.31 -13.15 28.91
CA VAL D 76 -44.59 -14.31 28.08
C VAL D 76 -43.30 -14.98 27.64
N ALA D 77 -42.34 -14.19 27.15
CA ALA D 77 -41.07 -14.74 26.70
C ALA D 77 -40.31 -15.39 27.85
N THR D 78 -40.36 -14.79 29.04
CA THR D 78 -39.67 -15.35 30.19
C THR D 78 -40.22 -16.73 30.56
N GLN D 79 -41.54 -16.83 30.72
CA GLN D 79 -42.14 -18.10 31.11
C GLN D 79 -42.01 -19.16 30.03
N ARG D 80 -41.85 -18.76 28.77
CA ARG D 80 -41.57 -19.73 27.72
C ARG D 80 -40.14 -20.25 27.86
N TRP D 81 -39.21 -19.37 28.23
CA TRP D 81 -37.83 -19.77 28.48
C TRP D 81 -37.73 -20.71 29.67
N VAL D 82 -38.27 -20.32 30.82
CA VAL D 82 -38.17 -21.12 32.03
C VAL D 82 -38.80 -22.50 31.83
N ALA D 83 -39.78 -22.60 30.91
CA ALA D 83 -40.36 -23.91 30.62
C ALA D 83 -39.37 -24.80 29.88
N SER D 84 -38.54 -24.21 29.01
CA SER D 84 -37.64 -24.98 28.18
C SER D 84 -36.35 -25.35 28.92
N THR D 85 -35.90 -24.51 29.84
CA THR D 85 -34.63 -24.75 30.51
C THR D 85 -34.65 -24.10 31.90
N ALA D 86 -33.77 -24.59 32.76
CA ALA D 86 -33.50 -23.98 34.06
C ALA D 86 -32.31 -23.03 34.02
N ASP D 87 -31.67 -22.90 32.86
CA ASP D 87 -30.51 -22.02 32.72
C ASP D 87 -30.93 -20.56 32.74
N GLU D 88 -29.94 -19.71 33.01
CA GLU D 88 -30.16 -18.28 32.91
C GLU D 88 -30.36 -17.90 31.44
N GLY D 89 -31.11 -16.82 31.23
CA GLY D 89 -31.48 -16.41 29.90
C GLY D 89 -31.11 -14.98 29.60
N ALA D 90 -30.90 -14.71 28.29
CA ALA D 90 -30.55 -13.40 27.78
C ALA D 90 -31.78 -12.78 27.12
N LEU D 91 -32.41 -11.82 27.81
CA LEU D 91 -33.63 -11.21 27.33
C LEU D 91 -33.30 -9.84 26.72
N ARG D 92 -33.74 -9.62 25.49
CA ARG D 92 -33.47 -8.37 24.78
C ARG D 92 -34.75 -7.77 24.25
N LEU D 93 -34.86 -6.44 24.36
CA LEU D 93 -35.98 -5.69 23.84
C LEU D 93 -35.50 -4.90 22.64
N ILE D 94 -36.05 -5.19 21.46
CA ILE D 94 -35.63 -4.53 20.23
C ILE D 94 -36.75 -3.62 19.75
N TYR D 95 -36.43 -2.35 19.54
CA TYR D 95 -37.42 -1.33 19.23
C TYR D 95 -36.82 -0.41 18.16
N SER D 96 -37.12 -0.69 16.90
CA SER D 96 -36.57 0.06 15.79
C SER D 96 -37.63 0.99 15.20
N ARG D 97 -37.16 1.91 14.35
CA ARG D 97 -38.05 2.86 13.70
C ARG D 97 -38.97 2.22 12.67
N GLY D 98 -38.72 0.97 12.28
CA GLY D 98 -39.56 0.30 11.31
C GLY D 98 -38.95 0.27 9.92
N ARG D 99 -39.79 -0.10 8.97
CA ARG D 99 -39.40 -0.13 7.57
C ARG D 99 -39.22 1.29 7.02
N GLU D 100 -38.56 1.36 5.87
CA GLU D 100 -38.39 2.62 5.16
C GLU D 100 -39.68 2.99 4.43
N GLY D 101 -40.10 4.23 4.58
CA GLY D 101 -41.37 4.66 4.01
C GLY D 101 -42.60 4.10 4.68
N GLY D 102 -42.44 3.36 5.78
CA GLY D 102 -43.56 2.84 6.55
C GLY D 102 -43.47 3.30 7.98
N SER D 103 -44.58 3.79 8.52
CA SER D 103 -44.55 4.48 9.82
C SER D 103 -44.60 3.54 11.01
N ALA D 104 -44.95 2.27 10.82
CA ALA D 104 -45.10 1.37 11.96
C ALA D 104 -43.73 0.93 12.48
N PRO D 105 -43.40 1.23 13.74
CA PRO D 105 -42.11 0.75 14.28
C PRO D 105 -42.15 -0.74 14.58
N THR D 106 -40.99 -1.38 14.44
CA THR D 106 -40.86 -2.80 14.72
C THR D 106 -40.41 -3.00 16.16
N ALA D 107 -41.12 -3.87 16.88
CA ALA D 107 -40.86 -4.11 18.29
C ALA D 107 -41.07 -5.57 18.61
N TYR D 108 -40.10 -6.16 19.30
CA TYR D 108 -40.22 -7.55 19.74
C TYR D 108 -39.22 -7.80 20.86
N VAL D 109 -39.50 -8.83 21.65
CA VAL D 109 -38.60 -9.28 22.70
C VAL D 109 -38.04 -10.63 22.31
N MET D 110 -36.84 -10.92 22.79
CA MET D 110 -36.11 -12.11 22.37
C MET D 110 -35.29 -12.65 23.52
N VAL D 111 -35.32 -13.97 23.70
CA VAL D 111 -34.54 -14.66 24.73
C VAL D 111 -33.52 -15.56 24.05
N SER D 112 -32.29 -15.54 24.55
CA SER D 112 -31.19 -16.34 24.02
C SER D 112 -30.36 -16.85 25.18
N PRO D 113 -29.56 -17.89 24.96
CA PRO D 113 -28.70 -18.38 26.05
C PRO D 113 -27.63 -17.36 26.41
N VAL D 114 -27.23 -17.41 27.68
CA VAL D 114 -26.13 -16.55 28.13
C VAL D 114 -24.81 -17.10 27.60
N PRO D 115 -23.99 -16.29 26.93
CA PRO D 115 -22.73 -16.80 26.37
C PRO D 115 -21.79 -17.31 27.47
N ALA D 116 -20.92 -18.24 27.08
CA ALA D 116 -19.99 -18.84 28.03
C ALA D 116 -18.94 -17.86 28.52
N ARG D 117 -18.67 -16.79 27.76
CA ARG D 117 -17.75 -15.77 28.21
C ARG D 117 -18.20 -15.15 29.53
N VAL D 118 -19.51 -14.99 29.69
CA VAL D 118 -20.05 -14.32 30.88
C VAL D 118 -19.79 -15.14 32.14
N ILE D 119 -19.91 -16.46 32.06
CA ILE D 119 -19.74 -17.29 33.24
C ILE D 119 -18.29 -17.24 33.71
N GLY D 120 -17.34 -17.21 32.78
CA GLY D 120 -15.94 -17.10 33.17
C GLY D 120 -15.60 -15.74 33.75
N ALA D 121 -16.15 -14.69 33.16
CA ALA D 121 -15.88 -13.33 33.64
C ALA D 121 -16.38 -13.13 35.07
N ARG D 122 -17.55 -13.68 35.40
CA ARG D 122 -18.04 -13.60 36.77
C ARG D 122 -17.12 -14.34 37.73
N ARG D 123 -16.69 -15.55 37.37
CA ARG D 123 -15.90 -16.38 38.28
C ARG D 123 -14.45 -15.93 38.37
N ASP D 124 -13.80 -15.72 37.22
CA ASP D 124 -12.37 -15.46 37.18
C ASP D 124 -12.03 -13.99 36.96
N GLY D 125 -12.94 -13.22 36.39
CA GLY D 125 -12.65 -11.85 36.05
C GLY D 125 -12.09 -11.68 34.65
N VAL D 126 -11.77 -10.42 34.34
CA VAL D 126 -11.37 -10.04 33.00
C VAL D 126 -10.08 -9.24 33.08
N SER D 127 -9.31 -9.28 31.99
CA SER D 127 -8.20 -8.35 31.77
C SER D 127 -8.66 -7.28 30.78
N ALA D 128 -8.38 -6.03 31.09
CA ALA D 128 -8.87 -4.91 30.29
C ALA D 128 -7.73 -3.96 29.94
N ILE D 129 -7.93 -3.21 28.85
CA ILE D 129 -7.05 -2.13 28.46
C ILE D 129 -7.85 -0.84 28.38
N THR D 130 -7.20 0.27 28.71
CA THR D 130 -7.81 1.59 28.57
C THR D 130 -7.60 2.12 27.16
N LEU D 131 -8.64 2.76 26.61
CA LEU D 131 -8.56 3.34 25.27
C LEU D 131 -9.17 4.74 25.29
N ASP D 132 -8.58 5.64 24.51
CA ASP D 132 -9.13 6.99 24.39
C ASP D 132 -10.39 6.93 23.53
N ARG D 133 -11.52 7.35 24.12
CA ARG D 133 -12.79 7.30 23.41
C ARG D 133 -12.91 8.38 22.34
N GLY D 134 -12.24 9.52 22.52
CA GLY D 134 -12.33 10.63 21.61
C GLY D 134 -13.29 11.73 22.04
N LEU D 135 -14.19 11.45 22.98
CA LEU D 135 -15.02 12.54 23.45
C LEU D 135 -14.48 13.09 24.76
N PRO D 136 -14.60 14.40 24.95
CA PRO D 136 -14.26 15.00 26.26
C PRO D 136 -15.37 14.74 27.26
N ALA D 137 -15.09 15.07 28.52
CA ALA D 137 -16.06 14.80 29.59
C ALA D 137 -17.29 15.69 29.48
N ASP D 138 -17.15 16.88 28.90
CA ASP D 138 -18.28 17.75 28.58
C ASP D 138 -18.98 17.37 27.28
N GLY D 139 -18.73 16.16 26.77
CA GLY D 139 -19.29 15.79 25.48
C GLY D 139 -20.79 15.58 25.54
N GLY D 140 -21.28 14.96 26.62
CA GLY D 140 -22.70 14.71 26.75
C GLY D 140 -23.50 15.99 26.88
N ASP D 141 -22.89 17.04 27.45
CA ASP D 141 -23.59 18.28 27.76
C ASP D 141 -23.54 19.26 26.60
N ALA D 142 -22.33 19.60 26.13
CA ALA D 142 -22.17 20.60 25.09
C ALA D 142 -22.64 20.12 23.72
N MET D 143 -22.79 18.81 23.53
CA MET D 143 -23.18 18.22 22.24
C MET D 143 -24.35 17.28 22.41
N PRO D 144 -25.57 17.81 22.57
CA PRO D 144 -26.73 16.92 22.74
C PRO D 144 -27.05 16.12 21.49
N TRP D 145 -26.69 16.63 20.31
CA TRP D 145 -26.98 15.96 19.05
C TRP D 145 -26.28 14.62 18.90
N LEU D 146 -25.28 14.32 19.72
CA LEU D 146 -24.52 13.09 19.58
C LEU D 146 -25.13 11.89 20.31
N ILE D 147 -26.29 12.07 20.97
CA ILE D 147 -27.09 11.01 21.61
C ILE D 147 -26.24 9.98 22.34
N ALA D 148 -25.20 10.43 23.05
CA ALA D 148 -24.29 9.52 23.72
C ALA D 148 -24.94 8.73 24.86
N SER D 149 -26.04 9.24 25.42
CA SER D 149 -26.68 8.63 26.58
C SER D 149 -27.72 7.57 26.22
N ALA D 150 -27.85 7.22 24.94
CA ALA D 150 -28.87 6.29 24.50
C ALA D 150 -28.25 4.93 24.15
N LYS D 151 -28.95 3.87 24.54
CA LYS D 151 -28.56 2.49 24.20
C LYS D 151 -29.15 2.19 22.83
N THR D 152 -28.42 2.55 21.78
CA THR D 152 -28.91 2.39 20.42
C THR D 152 -28.45 1.06 19.81
N LEU D 153 -29.08 0.72 18.69
CA LEU D 153 -28.73 -0.48 17.92
C LEU D 153 -27.47 -0.30 17.10
N SER D 154 -26.80 0.85 17.20
CA SER D 154 -25.58 1.13 16.45
C SER D 154 -24.39 0.81 17.33
N TYR D 155 -24.05 -0.48 17.39
CA TYR D 155 -23.01 -1.02 18.25
C TYR D 155 -21.77 -1.45 17.49
N ALA D 156 -21.61 -1.00 16.24
CA ALA D 156 -20.48 -1.44 15.43
C ALA D 156 -19.14 -1.07 16.06
N VAL D 157 -19.03 0.14 16.61
CA VAL D 157 -17.76 0.57 17.19
C VAL D 157 -17.47 -0.20 18.47
N ASN D 158 -18.50 -0.43 19.30
CA ASN D 158 -18.33 -1.21 20.51
C ASN D 158 -17.72 -2.57 20.21
N MET D 159 -18.22 -3.24 19.18
CA MET D 159 -17.67 -4.54 18.79
C MET D 159 -16.27 -4.39 18.19
N ALA D 160 -16.06 -3.35 17.39
CA ALA D 160 -14.74 -3.13 16.82
C ALA D 160 -13.72 -2.83 17.90
N VAL D 161 -14.14 -2.09 18.94
CA VAL D 161 -13.25 -1.79 20.05
C VAL D 161 -12.88 -3.08 20.79
N LEU D 162 -13.85 -3.98 20.95
CA LEU D 162 -13.56 -5.26 21.61
C LEU D 162 -12.69 -6.16 20.75
N ARG D 163 -12.97 -6.25 19.44
CA ARG D 163 -12.10 -7.02 18.56
C ARG D 163 -10.67 -6.51 18.62
N HIS D 164 -10.49 -5.19 18.66
CA HIS D 164 -9.15 -4.61 18.78
C HIS D 164 -8.51 -5.00 20.10
N ALA D 165 -9.27 -4.96 21.19
CA ALA D 165 -8.72 -5.33 22.49
C ALA D 165 -8.37 -6.80 22.54
N ALA D 166 -9.15 -7.65 21.87
CA ALA D 166 -8.83 -9.07 21.85
C ALA D 166 -7.48 -9.32 21.18
N ARG D 167 -7.20 -8.60 20.09
CA ARG D 167 -5.92 -8.75 19.42
C ARG D 167 -4.75 -8.29 20.27
N GLN D 168 -5.02 -7.48 21.30
CA GLN D 168 -4.03 -7.10 22.30
C GLN D 168 -4.04 -8.05 23.51
N GLY D 169 -4.85 -9.11 23.45
CA GLY D 169 -4.95 -10.04 24.56
C GLY D 169 -5.81 -9.59 25.72
N ALA D 170 -6.64 -8.57 25.52
CA ALA D 170 -7.48 -8.02 26.57
C ALA D 170 -8.93 -8.47 26.41
N GLY D 171 -9.60 -8.65 27.55
CA GLY D 171 -10.96 -9.16 27.57
C GLY D 171 -12.02 -8.08 27.53
N ASP D 172 -11.65 -6.84 27.82
CA ASP D 172 -12.59 -5.72 27.78
C ASP D 172 -11.81 -4.41 27.69
N VAL D 173 -12.53 -3.30 27.71
CA VAL D 173 -11.96 -1.97 27.53
C VAL D 173 -12.60 -1.01 28.51
N ILE D 174 -11.81 -0.06 28.99
CA ILE D 174 -12.31 1.07 29.76
C ILE D 174 -11.97 2.34 28.98
N PHE D 175 -12.99 3.03 28.49
CA PHE D 175 -12.79 4.25 27.72
C PHE D 175 -12.32 5.38 28.63
N VAL D 176 -11.43 6.22 28.10
CA VAL D 176 -10.90 7.38 28.81
C VAL D 176 -11.13 8.61 27.95
N SER D 177 -11.59 9.68 28.58
CA SER D 177 -11.90 10.91 27.86
C SER D 177 -10.62 11.58 27.39
N THR D 178 -10.78 12.54 26.47
CA THR D 178 -9.63 13.30 25.99
C THR D 178 -8.94 14.06 27.11
N ASP D 179 -9.69 14.49 28.13
CA ASP D 179 -9.08 15.15 29.28
C ASP D 179 -8.56 14.17 30.32
N GLY D 180 -8.73 12.87 30.10
CA GLY D 180 -8.15 11.87 30.98
C GLY D 180 -9.09 11.33 32.04
N TYR D 181 -10.40 11.45 31.85
CA TYR D 181 -11.38 10.98 32.82
C TYR D 181 -11.96 9.64 32.37
N VAL D 182 -12.16 8.75 33.34
CA VAL D 182 -12.75 7.45 33.03
C VAL D 182 -14.19 7.64 32.59
N LEU D 183 -14.56 7.00 31.49
CA LEU D 183 -15.90 7.13 30.93
C LEU D 183 -16.75 5.90 31.19
N GLU D 184 -16.60 4.88 30.34
CA GLU D 184 -17.44 3.70 30.40
C GLU D 184 -16.76 2.57 29.68
N GLY D 185 -17.38 1.39 29.74
CA GLY D 185 -16.99 0.27 28.93
C GLY D 185 -17.82 0.21 27.66
N PRO D 186 -17.34 -0.52 26.66
CA PRO D 186 -18.16 -0.70 25.44
C PRO D 186 -19.46 -1.43 25.70
N ARG D 187 -19.56 -2.20 26.79
CA ARG D 187 -20.81 -2.89 27.11
C ARG D 187 -21.09 -2.92 28.61
N SER D 188 -20.45 -2.04 29.39
CA SER D 188 -20.56 -2.12 30.84
C SER D 188 -20.21 -0.75 31.44
N THR D 189 -20.62 -0.57 32.70
CA THR D 189 -20.32 0.63 33.47
C THR D 189 -19.27 0.32 34.52
N VAL D 190 -18.33 1.24 34.70
CA VAL D 190 -17.18 1.04 35.58
C VAL D 190 -17.55 1.43 37.01
N VAL D 191 -17.26 0.55 37.96
CA VAL D 191 -17.43 0.83 39.38
C VAL D 191 -16.16 0.42 40.09
N ILE D 192 -15.68 1.28 40.99
CA ILE D 192 -14.42 1.07 41.71
C ILE D 192 -14.72 1.17 43.20
N ALA D 193 -13.90 0.48 44.00
CA ALA D 193 -13.97 0.57 45.44
C ALA D 193 -12.67 1.15 45.98
N THR D 194 -12.77 2.11 46.89
CA THR D 194 -11.59 2.71 47.51
C THR D 194 -11.90 3.16 48.93
N PRO D 203 -14.57 1.23 53.31
CA PRO D 203 -14.99 0.85 51.95
C PRO D 203 -15.91 1.87 51.30
N CYS D 204 -15.58 2.28 50.08
CA CYS D 204 -16.29 3.34 49.38
C CYS D 204 -16.40 2.97 47.91
N LEU D 205 -17.59 3.16 47.33
CA LEU D 205 -17.86 2.78 45.95
C LEU D 205 -18.01 4.03 45.09
N LEU D 206 -17.30 4.05 43.96
CA LEU D 206 -17.26 5.20 43.07
C LEU D 206 -17.54 4.76 41.65
N THR D 207 -18.26 5.59 40.91
CA THR D 207 -18.57 5.39 39.51
C THR D 207 -18.47 6.72 38.80
N PRO D 208 -18.15 6.72 37.50
CA PRO D 208 -18.13 7.99 36.78
C PRO D 208 -19.50 8.63 36.77
N PRO D 209 -19.57 9.96 36.77
CA PRO D 209 -20.88 10.62 36.86
C PRO D 209 -21.68 10.40 35.59
N PRO D 210 -23.00 10.32 35.70
CA PRO D 210 -23.81 9.92 34.54
C PRO D 210 -24.09 11.02 33.54
N TRP D 211 -23.83 12.28 33.87
CA TRP D 211 -24.02 13.33 32.87
C TRP D 211 -22.88 13.40 31.87
N TYR D 212 -21.80 12.64 32.08
CA TYR D 212 -20.80 12.44 31.05
C TYR D 212 -21.44 11.71 29.85
N PRO D 213 -20.79 11.76 28.67
CA PRO D 213 -21.35 11.03 27.52
C PRO D 213 -21.33 9.52 27.70
N ILE D 214 -22.07 9.04 28.70
CA ILE D 214 -22.13 7.63 29.05
C ILE D 214 -23.57 7.26 29.35
N LEU D 215 -23.85 5.96 29.33
CA LEU D 215 -25.17 5.48 29.70
C LEU D 215 -25.35 5.50 31.21
N ARG D 216 -26.61 5.59 31.64
CA ARG D 216 -26.96 5.43 33.04
C ARG D 216 -27.22 3.96 33.30
N GLY D 217 -26.43 3.36 34.18
CA GLY D 217 -26.52 1.93 34.39
C GLY D 217 -27.64 1.51 35.33
N THR D 218 -28.54 0.67 34.84
CA THR D 218 -29.60 0.15 35.70
C THR D 218 -29.02 -0.72 36.80
N THR D 219 -28.00 -1.53 36.47
CA THR D 219 -27.37 -2.38 37.46
C THR D 219 -26.57 -1.54 38.45
N GLN D 220 -25.81 -0.56 37.94
CA GLN D 220 -25.02 0.30 38.80
C GLN D 220 -25.90 1.07 39.79
N GLN D 221 -27.02 1.62 39.32
CA GLN D 221 -27.92 2.35 40.22
C GLN D 221 -28.54 1.43 41.26
N ALA D 222 -29.02 0.25 40.84
CA ALA D 222 -29.59 -0.68 41.82
C ALA D 222 -28.54 -1.19 42.79
N LEU D 223 -27.29 -1.34 42.33
CA LEU D 223 -26.21 -1.72 43.24
C LEU D 223 -25.99 -0.63 44.30
N PHE D 224 -26.01 0.63 43.87
CA PHE D 224 -25.86 1.73 44.83
C PHE D 224 -27.01 1.73 45.82
N GLU D 225 -28.22 1.36 45.37
CA GLU D 225 -29.38 1.34 46.26
C GLU D 225 -29.21 0.32 47.37
N VAL D 226 -28.75 -0.89 47.02
CA VAL D 226 -28.56 -1.93 48.02
C VAL D 226 -27.40 -1.58 48.94
N ALA D 227 -26.30 -1.09 48.36
CA ALA D 227 -25.12 -0.79 49.15
C ALA D 227 -25.38 0.32 50.16
N ARG D 228 -26.15 1.35 49.76
CA ARG D 228 -26.51 2.39 50.70
C ARG D 228 -27.39 1.85 51.81
N ALA D 229 -28.29 0.91 51.48
CA ALA D 229 -29.15 0.33 52.51
C ALA D 229 -28.38 -0.56 53.48
N LYS D 230 -27.24 -1.11 53.05
CA LYS D 230 -26.44 -2.00 53.88
C LYS D 230 -25.25 -1.31 54.55
N GLY D 231 -25.10 0.00 54.40
CA GLY D 231 -24.09 0.74 55.15
C GLY D 231 -22.88 1.20 54.36
N TYR D 232 -22.80 0.92 53.07
CA TYR D 232 -21.66 1.35 52.25
C TYR D 232 -21.92 2.72 51.66
N ASP D 233 -20.94 3.60 51.74
CA ASP D 233 -21.06 4.91 51.12
C ASP D 233 -20.79 4.79 49.62
N CYS D 234 -21.76 5.23 48.82
CA CYS D 234 -21.64 5.27 47.37
C CYS D 234 -21.84 6.70 46.90
N ASP D 235 -21.13 7.06 45.84
CA ASP D 235 -21.18 8.43 45.35
C ASP D 235 -20.72 8.46 43.89
N TYR D 236 -21.10 9.52 43.20
CA TYR D 236 -20.71 9.74 41.82
C TYR D 236 -19.61 10.80 41.82
N ARG D 237 -18.44 10.44 41.28
CA ARG D 237 -17.29 11.34 41.22
C ARG D 237 -16.55 11.15 39.91
N ALA D 238 -15.78 12.18 39.54
CA ALA D 238 -14.90 12.08 38.39
C ALA D 238 -13.65 11.26 38.73
N LEU D 239 -13.40 10.24 37.92
CA LEU D 239 -12.30 9.31 38.14
C LEU D 239 -11.22 9.47 37.07
N ARG D 240 -9.97 9.22 37.47
CA ARG D 240 -8.83 9.19 36.58
C ARG D 240 -8.22 7.78 36.60
N VAL D 241 -7.37 7.52 35.61
CA VAL D 241 -6.76 6.21 35.46
C VAL D 241 -5.95 5.86 36.71
N ALA D 242 -5.30 6.86 37.31
CA ALA D 242 -4.57 6.63 38.55
C ALA D 242 -5.49 6.10 39.64
N ASP D 243 -6.72 6.60 39.69
CA ASP D 243 -7.68 6.08 40.65
C ASP D 243 -7.99 4.61 40.39
N LEU D 244 -7.95 4.18 39.12
CA LEU D 244 -8.16 2.77 38.81
C LEU D 244 -7.07 1.90 39.41
N PHE D 245 -5.80 2.30 39.22
CA PHE D 245 -4.69 1.47 39.69
C PHE D 245 -4.52 1.54 41.20
N ASP D 246 -4.84 2.69 41.81
CA ASP D 246 -4.76 2.82 43.27
C ASP D 246 -6.01 2.30 43.97
N SER D 247 -6.93 1.66 43.24
CA SER D 247 -8.16 1.19 43.85
C SER D 247 -7.96 -0.19 44.48
N GLN D 248 -8.96 -0.60 45.26
CA GLN D 248 -8.99 -1.94 45.81
C GLN D 248 -9.68 -2.93 44.90
N GLY D 249 -10.50 -2.44 43.97
CA GLY D 249 -11.14 -3.31 43.01
C GLY D 249 -11.80 -2.53 41.89
N ILE D 250 -11.83 -3.12 40.70
CA ILE D 250 -12.49 -2.54 39.54
C ILE D 250 -13.44 -3.57 38.99
N TRP D 251 -14.64 -3.15 38.64
CA TRP D 251 -15.62 -4.05 38.08
C TRP D 251 -16.28 -3.40 36.88
N LEU D 252 -16.65 -4.23 35.91
CA LEU D 252 -17.48 -3.82 34.79
C LEU D 252 -18.86 -4.40 35.05
N VAL D 253 -19.82 -3.54 35.36
CA VAL D 253 -21.14 -3.94 35.80
C VAL D 253 -22.09 -3.78 34.62
N SER D 254 -22.93 -4.80 34.41
CA SER D 254 -23.89 -4.78 33.32
C SER D 254 -24.99 -5.80 33.65
N SER D 255 -26.09 -5.71 32.90
CA SER D 255 -27.25 -6.55 33.21
C SER D 255 -26.98 -8.02 32.96
N MET D 256 -26.18 -8.36 31.94
CA MET D 256 -25.89 -9.77 31.69
C MET D 256 -24.69 -10.26 32.50
N THR D 257 -23.52 -9.64 32.28
CA THR D 257 -22.34 -9.93 33.08
C THR D 257 -22.46 -9.08 34.34
N LEU D 258 -22.93 -9.71 35.43
CA LEU D 258 -23.32 -8.95 36.62
C LEU D 258 -22.16 -8.11 37.15
N ALA D 259 -21.04 -8.76 37.50
CA ALA D 259 -19.88 -8.04 38.02
C ALA D 259 -18.63 -8.83 37.66
N ALA D 260 -17.81 -8.27 36.77
CA ALA D 260 -16.58 -8.89 36.33
C ALA D 260 -15.40 -8.17 36.98
N ARG D 261 -14.65 -8.88 37.81
CA ARG D 261 -13.49 -8.28 38.46
C ARG D 261 -12.38 -8.06 37.44
N VAL D 262 -11.81 -6.86 37.43
CA VAL D 262 -10.68 -6.57 36.55
C VAL D 262 -9.42 -7.05 37.26
N HIS D 263 -8.85 -8.16 36.78
CA HIS D 263 -7.64 -8.68 37.39
C HIS D 263 -6.36 -8.19 36.73
N THR D 264 -6.44 -7.65 35.51
CA THR D 264 -5.27 -7.13 34.81
C THR D 264 -5.67 -5.93 33.97
N LEU D 265 -5.00 -4.79 34.21
CA LEU D 265 -5.28 -3.56 33.49
C LEU D 265 -3.99 -3.09 32.83
N ASP D 266 -3.97 -3.09 31.48
CA ASP D 266 -2.83 -2.63 30.70
C ASP D 266 -1.56 -3.42 31.03
N GLY D 267 -1.71 -4.71 31.36
CA GLY D 267 -0.57 -5.54 31.68
C GLY D 267 -0.18 -5.56 33.14
N ARG D 268 -0.65 -4.60 33.93
CA ARG D 268 -0.32 -4.51 35.35
C ARG D 268 -1.36 -5.34 36.11
N ARG D 269 -0.93 -6.44 36.72
CA ARG D 269 -1.87 -7.25 37.48
C ARG D 269 -2.31 -6.51 38.75
N LEU D 270 -3.61 -6.47 38.98
CA LEU D 270 -4.26 -5.85 40.12
C LEU D 270 -4.63 -6.91 41.14
N PRO D 271 -4.30 -6.72 42.42
CA PRO D 271 -4.51 -7.79 43.40
C PRO D 271 -5.97 -7.94 43.79
N ARG D 272 -6.29 -9.15 44.23
CA ARG D 272 -7.62 -9.49 44.73
C ARG D 272 -7.76 -9.09 46.19
N THR D 273 -8.96 -8.68 46.56
CA THR D 273 -9.28 -8.18 47.89
C THR D 273 -10.57 -8.83 48.38
N PRO D 274 -10.71 -9.02 49.70
CA PRO D 274 -11.97 -9.58 50.22
C PRO D 274 -13.24 -8.90 49.74
N ILE D 275 -13.17 -7.62 49.35
CA ILE D 275 -14.35 -6.93 48.87
C ILE D 275 -14.89 -7.54 47.58
N ALA D 276 -14.06 -8.32 46.88
CA ALA D 276 -14.50 -8.85 45.60
C ALA D 276 -15.63 -9.85 45.78
N GLU D 277 -15.59 -10.63 46.86
CA GLU D 277 -16.66 -11.58 47.12
C GLU D 277 -17.91 -10.87 47.61
N VAL D 278 -17.75 -9.80 48.40
CA VAL D 278 -18.90 -9.04 48.86
C VAL D 278 -19.55 -8.31 47.69
N PHE D 279 -18.73 -7.85 46.74
CA PHE D 279 -19.25 -7.11 45.60
C PHE D 279 -20.17 -7.98 44.76
N ALA D 280 -19.79 -9.26 44.56
CA ALA D 280 -20.63 -10.15 43.77
C ALA D 280 -21.97 -10.41 44.45
N GLU D 281 -21.98 -10.54 45.77
CA GLU D 281 -23.25 -10.71 46.47
C GLU D 281 -24.09 -9.45 46.42
N LEU D 282 -23.45 -8.28 46.49
CA LEU D 282 -24.21 -7.03 46.45
C LEU D 282 -24.92 -6.89 45.11
N VAL D 283 -24.23 -7.16 44.00
CA VAL D 283 -24.89 -7.11 42.70
C VAL D 283 -25.93 -8.21 42.58
N ASP D 284 -25.64 -9.40 43.14
CA ASP D 284 -26.63 -10.46 43.16
C ASP D 284 -27.90 -10.02 43.88
N ALA D 285 -27.76 -9.35 45.03
CA ALA D 285 -28.90 -8.83 45.75
C ALA D 285 -29.54 -7.65 45.02
N ALA D 286 -28.77 -6.94 44.20
CA ALA D 286 -29.29 -5.76 43.53
C ALA D 286 -30.33 -6.12 42.48
N ILE D 287 -30.06 -7.14 41.67
CA ILE D 287 -30.95 -7.47 40.55
C ILE D 287 -32.24 -8.13 40.98
N VAL D 288 -32.39 -8.46 42.26
CA VAL D 288 -33.65 -8.99 42.77
C VAL D 288 -34.24 -8.07 43.85
N SER D 289 -33.78 -6.83 43.89
CA SER D 289 -34.33 -5.85 44.84
C SER D 289 -35.77 -5.49 44.47
N ASP D 290 -36.11 -5.55 43.19
CA ASP D 290 -37.45 -5.20 42.74
C ASP D 290 -38.53 -6.16 43.24
N ARG D 291 -38.14 -7.36 43.67
CA ARG D 291 -39.12 -8.31 44.21
C ARG D 291 -39.28 -8.12 45.70
#